data_4R9U
#
_entry.id   4R9U
#
_cell.length_a   372.850
_cell.length_b   113.210
_cell.length_c   69.430
_cell.angle_alpha   90.00
_cell.angle_beta   94.92
_cell.angle_gamma   90.00
#
_symmetry.space_group_name_H-M   'C 1 2 1'
#
loop_
_entity.id
_entity.type
_entity.pdbx_description
1 polymer 'Vitamin B12 import system permease protein BtuC'
2 polymer 'Vitamin B12 import ATP-binding protein BtuD'
3 non-polymer 'LAURYL DIMETHYLAMINE-N-OXIDE'
4 non-polymer 'PHOSPHOAMINOPHOSPHONIC ACID-ADENYLATE ESTER'
5 non-polymer 'MAGNESIUM ION'
#
loop_
_entity_poly.entity_id
_entity_poly.type
_entity_poly.pdbx_seq_one_letter_code
_entity_poly.pdbx_strand_id
1 'polypeptide(L)'
;GPSGTSHMLTLARQQQRQNIRWLLSLSVLMLLALLLSLSAGEQWISPGDWFTPRGELFVWQIRLPRTLAVLLVGAALAIS
GAVMQALFENPLAEPGLLGVSNGAGVGLIAAVLLGQGQLPNWALGLSAIAGALIITLILLRFARRHLSTSRLLLAGVALG
IISSALMTWAIYFSTSVDLRQLMYWMMGGFGGVDWRQSWLMLALIPVLLWISSQSRPMNMLALGEISARQLGLPLWFWRN
VLVAATGWMVGVSVALAGAIGFIGLVIPHILRLSGLTDHRVLLPGCALAGASALLLADIVARLALAAAELPIGVVTATLG
APVFIWLLLKAGR
;
A,B
2 'polypeptide(L)'
;MSIVMQLQDVAESTRLGPLSGEVRAGEILHLVGPNGAGKSTLLARMAGMTSGKGSIQFAGQPLEAWSATKLALHRAYLSQ
QQTPPFATPVWHYLTLHQHDKTRTELLNDVAGALALDDKLGRSTNQLSGGEWQRVRLAAVVLQITPQANPAGQLLLLDQP
MCSLDVAQQSALDKILSALSQQGLAIVMSSHDLNHTLRHAHRAWLLKGGKMLASGRREEVLTPPNLAQAYGMNFRRLDIE
GHRMLISTI
;
C,D
#
loop_
_chem_comp.id
_chem_comp.type
_chem_comp.name
_chem_comp.formula
ANP non-polymer 'PHOSPHOAMINOPHOSPHONIC ACID-ADENYLATE ESTER' 'C10 H17 N6 O12 P3'
LDA non-polymer 'LAURYL DIMETHYLAMINE-N-OXIDE' 'C14 H31 N O'
MG non-polymer 'MAGNESIUM ION' 'Mg 2'
#
# COMPACT_ATOMS: atom_id res chain seq x y z
N MET A 8 17.40 25.28 -4.80
CA MET A 8 16.70 24.95 -6.02
C MET A 8 17.40 25.67 -7.17
N LEU A 9 16.93 25.44 -8.40
CA LEU A 9 17.48 26.08 -9.59
C LEU A 9 16.54 27.15 -10.22
N THR A 10 15.41 26.72 -10.75
CA THR A 10 14.46 27.55 -11.52
C THR A 10 13.08 26.94 -11.34
N LEU A 11 13.12 25.75 -10.78
CA LEU A 11 11.98 24.90 -10.61
C LEU A 11 10.87 25.58 -9.83
N ALA A 12 11.25 26.31 -8.78
CA ALA A 12 10.23 27.07 -8.06
C ALA A 12 9.43 28.00 -9.02
N ARG A 13 10.06 28.58 -10.04
CA ARG A 13 9.30 29.47 -10.93
C ARG A 13 8.42 28.71 -11.91
N GLN A 14 8.97 27.67 -12.54
CA GLN A 14 8.23 26.86 -13.48
C GLN A 14 6.98 26.30 -12.80
N GLN A 15 7.21 25.57 -11.71
CA GLN A 15 6.12 24.95 -10.96
C GLN A 15 5.17 25.96 -10.30
N GLN A 16 5.68 27.03 -9.72
CA GLN A 16 4.77 28.00 -9.12
C GLN A 16 3.88 28.66 -10.20
N ARG A 17 4.49 28.98 -11.35
CA ARG A 17 3.71 29.60 -12.43
C ARG A 17 2.65 28.61 -12.94
N GLN A 18 2.98 27.33 -13.14
CA GLN A 18 1.96 26.39 -13.63
C GLN A 18 0.85 26.16 -12.59
N ASN A 19 1.22 26.19 -11.30
CA ASN A 19 0.27 26.08 -10.19
C ASN A 19 -0.76 27.19 -10.18
N ILE A 20 -0.26 28.43 -10.20
CA ILE A 20 -1.13 29.58 -10.24
C ILE A 20 -2.02 29.52 -11.49
N ARG A 21 -1.48 29.18 -12.66
CA ARG A 21 -2.37 29.05 -13.82
C ARG A 21 -3.49 28.02 -13.61
N TRP A 22 -3.14 26.86 -13.06
CA TRP A 22 -4.16 25.87 -12.72
C TRP A 22 -5.25 26.41 -11.79
N LEU A 23 -4.84 26.98 -10.65
CA LEU A 23 -5.82 27.52 -9.71
C LEU A 23 -6.70 28.62 -10.34
N LEU A 24 -6.09 29.46 -11.17
CA LEU A 24 -6.85 30.51 -11.85
C LEU A 24 -7.92 29.91 -12.74
N SER A 25 -7.52 28.94 -13.57
CA SER A 25 -8.50 28.29 -14.44
C SER A 25 -9.65 27.67 -13.66
N LEU A 26 -9.32 26.89 -12.65
CA LEU A 26 -10.34 26.29 -11.80
C LEU A 26 -11.32 27.31 -11.20
N SER A 27 -10.78 28.39 -10.65
CA SER A 27 -11.64 29.43 -10.05
C SER A 27 -12.55 30.12 -11.06
N VAL A 28 -12.01 30.45 -12.22
CA VAL A 28 -12.81 31.07 -13.27
C VAL A 28 -13.96 30.15 -13.69
N LEU A 29 -13.64 28.86 -13.86
CA LEU A 29 -14.66 27.86 -14.14
C LEU A 29 -15.74 27.88 -13.08
N MET A 30 -15.33 27.93 -11.82
CA MET A 30 -16.30 27.96 -10.74
C MET A 30 -17.22 29.20 -10.78
N LEU A 31 -16.65 30.38 -10.98
CA LEU A 31 -17.46 31.59 -11.11
C LEU A 31 -18.46 31.49 -12.24
N LEU A 32 -18.00 31.05 -13.42
CA LEU A 32 -18.93 30.88 -14.52
C LEU A 32 -20.05 29.93 -14.17
N ALA A 33 -19.73 28.81 -13.52
CA ALA A 33 -20.77 27.89 -13.07
C ALA A 33 -21.73 28.61 -12.12
N LEU A 34 -21.20 29.50 -11.29
CA LEU A 34 -22.07 30.25 -10.39
C LEU A 34 -23.07 31.05 -11.21
N LEU A 35 -22.61 31.86 -12.15
CA LEU A 35 -23.56 32.67 -12.94
C LEU A 35 -24.50 31.80 -13.77
N LEU A 36 -24.01 30.64 -14.17
CA LEU A 36 -24.81 29.69 -14.91
C LEU A 36 -26.00 29.30 -14.07
N SER A 37 -25.76 28.78 -12.87
CA SER A 37 -26.88 28.33 -12.04
C SER A 37 -27.75 29.48 -11.55
N LEU A 38 -27.16 30.67 -11.48
CA LEU A 38 -27.92 31.81 -11.01
C LEU A 38 -28.93 32.21 -12.08
N SER A 39 -28.79 31.68 -13.30
CA SER A 39 -29.69 32.10 -14.38
C SER A 39 -30.46 30.93 -14.92
N ALA A 40 -29.87 29.76 -14.89
CA ALA A 40 -30.53 28.59 -15.44
C ALA A 40 -31.74 28.18 -14.59
N GLY A 41 -32.72 27.57 -15.23
CA GLY A 41 -33.89 27.06 -14.55
C GLY A 41 -35.01 27.01 -15.55
N GLU A 42 -36.23 27.00 -15.09
CA GLU A 42 -37.35 27.00 -15.99
C GLU A 42 -37.29 28.22 -16.93
N GLN A 43 -37.01 29.39 -16.34
CA GLN A 43 -36.93 30.62 -17.12
C GLN A 43 -35.56 31.28 -17.02
N TRP A 44 -34.81 31.26 -18.11
CA TRP A 44 -33.51 31.94 -18.14
C TRP A 44 -33.59 33.42 -17.83
N ILE A 45 -32.94 33.81 -16.74
CA ILE A 45 -32.95 35.20 -16.35
C ILE A 45 -31.58 35.83 -16.59
N SER A 46 -31.45 36.48 -17.74
CA SER A 46 -30.26 37.24 -18.12
C SER A 46 -29.95 38.33 -17.09
N PRO A 47 -28.65 38.59 -16.84
CA PRO A 47 -28.18 39.57 -15.86
C PRO A 47 -28.86 40.93 -15.95
N GLY A 48 -29.45 41.22 -17.10
CA GLY A 48 -30.20 42.46 -17.27
C GLY A 48 -31.38 42.51 -16.30
N ASP A 49 -32.16 41.44 -16.30
CA ASP A 49 -33.35 41.38 -15.47
C ASP A 49 -33.11 40.68 -14.14
N TRP A 50 -32.07 41.10 -13.42
CA TRP A 50 -31.76 40.39 -12.19
C TRP A 50 -32.28 41.12 -10.95
N PHE A 51 -32.84 42.30 -11.17
CA PHE A 51 -33.31 43.12 -10.06
C PHE A 51 -34.83 43.28 -10.12
N THR A 52 -35.45 42.63 -11.10
CA THR A 52 -36.89 42.67 -11.30
C THR A 52 -37.58 41.84 -10.21
N PRO A 53 -38.92 41.96 -10.07
CA PRO A 53 -39.58 41.11 -9.08
C PRO A 53 -39.36 39.62 -9.33
N ARG A 54 -39.16 39.25 -10.61
CA ARG A 54 -38.78 37.89 -10.94
C ARG A 54 -37.28 37.69 -10.76
N GLY A 55 -36.68 38.48 -9.89
CA GLY A 55 -35.26 38.36 -9.69
C GLY A 55 -35.04 38.10 -8.25
N GLU A 56 -35.91 38.65 -7.41
CA GLU A 56 -35.73 38.43 -5.98
C GLU A 56 -36.35 37.09 -5.62
N LEU A 57 -37.03 36.46 -6.57
CA LEU A 57 -37.68 35.21 -6.27
C LEU A 57 -36.92 34.10 -6.89
N PHE A 58 -36.28 34.41 -7.98
CA PHE A 58 -35.63 33.29 -8.64
C PHE A 58 -34.15 33.36 -8.43
N VAL A 59 -33.68 34.59 -8.20
CA VAL A 59 -32.24 34.78 -8.05
C VAL A 59 -31.78 35.29 -6.66
N TRP A 60 -32.63 35.22 -5.67
CA TRP A 60 -32.23 35.70 -4.37
C TRP A 60 -32.62 34.78 -3.24
N GLN A 61 -33.89 34.41 -3.26
CA GLN A 61 -34.42 33.55 -2.21
C GLN A 61 -34.60 32.13 -2.69
N ILE A 62 -34.04 31.84 -3.86
CA ILE A 62 -34.12 30.50 -4.41
C ILE A 62 -32.79 29.94 -4.87
N ARG A 63 -32.23 30.45 -5.97
CA ARG A 63 -30.98 29.93 -6.48
C ARG A 63 -29.75 30.45 -5.71
N LEU A 64 -29.78 31.67 -5.16
CA LEU A 64 -28.58 32.12 -4.50
C LEU A 64 -28.18 31.27 -3.28
N PRO A 65 -29.14 30.83 -2.44
CA PRO A 65 -28.56 30.02 -1.40
C PRO A 65 -28.32 28.56 -1.77
N ARG A 66 -29.00 28.08 -2.80
CA ARG A 66 -28.87 26.68 -3.18
C ARG A 66 -27.56 26.50 -3.88
N THR A 67 -27.23 27.46 -4.73
CA THR A 67 -26.01 27.39 -5.52
C THR A 67 -24.82 27.51 -4.59
N LEU A 68 -24.96 28.38 -3.62
CA LEU A 68 -23.90 28.62 -2.67
C LEU A 68 -23.67 27.33 -1.87
N ALA A 69 -24.76 26.71 -1.42
CA ALA A 69 -24.66 25.48 -0.64
C ALA A 69 -24.01 24.43 -1.51
N VAL A 70 -24.42 24.34 -2.76
CA VAL A 70 -23.74 23.40 -3.61
C VAL A 70 -22.24 23.62 -3.71
N LEU A 71 -21.80 24.84 -3.98
CA LEU A 71 -20.37 25.07 -4.04
C LEU A 71 -19.67 24.62 -2.76
N LEU A 72 -20.24 24.99 -1.62
CA LEU A 72 -19.64 24.64 -0.34
C LEU A 72 -19.53 23.13 -0.11
N VAL A 73 -20.62 22.40 -0.31
CA VAL A 73 -20.62 20.97 -0.05
C VAL A 73 -19.67 20.26 -1.02
N GLY A 74 -19.69 20.64 -2.29
CA GLY A 74 -18.78 20.07 -3.26
C GLY A 74 -17.32 20.28 -2.85
N ALA A 75 -16.99 21.50 -2.42
CA ALA A 75 -15.63 21.75 -1.98
C ALA A 75 -15.29 20.86 -0.80
N ALA A 76 -16.21 20.81 0.16
CA ALA A 76 -16.01 20.03 1.38
C ALA A 76 -15.75 18.57 1.08
N LEU A 77 -16.62 17.96 0.29
CA LEU A 77 -16.50 16.55 -0.07
C LEU A 77 -15.20 16.26 -0.79
N ALA A 78 -14.87 17.06 -1.79
CA ALA A 78 -13.63 16.80 -2.51
C ALA A 78 -12.37 16.94 -1.60
N ILE A 79 -12.32 17.98 -0.76
CA ILE A 79 -11.19 18.10 0.15
C ILE A 79 -11.13 16.90 1.09
N SER A 80 -12.26 16.56 1.70
CA SER A 80 -12.37 15.39 2.59
C SER A 80 -11.83 14.14 1.91
N GLY A 81 -12.15 14.01 0.64
CA GLY A 81 -11.62 12.95 -0.18
C GLY A 81 -10.11 12.95 -0.16
N ALA A 82 -9.54 14.07 -0.60
CA ALA A 82 -8.09 14.19 -0.69
C ALA A 82 -7.42 13.80 0.61
N VAL A 83 -7.89 14.43 1.68
CA VAL A 83 -7.36 14.21 3.01
C VAL A 83 -7.40 12.75 3.40
N MET A 84 -8.55 12.12 3.28
CA MET A 84 -8.64 10.72 3.67
C MET A 84 -7.81 9.79 2.85
N GLN A 85 -7.84 9.94 1.53
CA GLN A 85 -6.96 9.15 0.68
C GLN A 85 -5.47 9.25 1.06
N ALA A 86 -5.09 10.37 1.68
CA ALA A 86 -3.69 10.55 2.03
C ALA A 86 -3.42 10.17 3.46
N LEU A 87 -4.48 9.94 4.19
CA LEU A 87 -4.33 9.66 5.61
C LEU A 87 -4.32 8.18 5.82
N PHE A 88 -5.12 7.51 5.01
CA PHE A 88 -5.29 6.08 5.09
C PHE A 88 -4.41 5.40 4.06
N GLU A 89 -3.75 6.22 3.24
CA GLU A 89 -2.76 5.71 2.29
C GLU A 89 -3.42 4.75 1.33
N ASN A 90 -4.62 5.09 0.88
CA ASN A 90 -5.44 4.18 0.07
C ASN A 90 -6.36 4.92 -0.90
N PRO A 91 -6.30 4.56 -2.19
CA PRO A 91 -7.05 5.15 -3.31
C PRO A 91 -8.57 5.21 -3.16
N LEU A 92 -9.19 4.13 -2.69
CA LEU A 92 -10.63 4.02 -2.45
C LEU A 92 -11.16 4.75 -1.22
N ALA A 93 -10.32 5.48 -0.49
CA ALA A 93 -10.80 6.20 0.67
C ALA A 93 -11.71 7.27 0.13
N GLU A 94 -12.94 7.26 0.62
CA GLU A 94 -13.99 8.16 0.23
C GLU A 94 -14.35 8.93 1.50
N PRO A 95 -15.43 9.73 1.48
CA PRO A 95 -15.69 10.24 2.82
C PRO A 95 -16.73 9.38 3.60
N GLY A 96 -17.72 8.88 2.86
CA GLY A 96 -18.76 8.07 3.48
C GLY A 96 -18.33 6.63 3.67
N LEU A 97 -17.08 6.46 4.07
CA LEU A 97 -16.56 5.11 4.16
C LEU A 97 -16.32 4.69 5.62
N LEU A 98 -16.29 5.65 6.52
CA LEU A 98 -16.10 5.33 7.93
C LEU A 98 -17.42 5.45 8.69
N GLY A 99 -18.53 5.55 7.97
CA GLY A 99 -19.82 5.56 8.64
C GLY A 99 -20.38 6.90 9.00
N VAL A 100 -19.52 7.90 9.15
CA VAL A 100 -19.97 9.27 9.39
C VAL A 100 -21.19 9.70 8.54
N SER A 101 -21.11 9.48 7.22
CA SER A 101 -22.20 9.77 6.31
C SER A 101 -23.45 9.00 6.69
N ASN A 102 -23.27 7.79 7.22
CA ASN A 102 -24.39 6.90 7.58
C ASN A 102 -24.88 7.25 9.00
N GLY A 103 -23.93 7.63 9.84
CA GLY A 103 -24.19 8.09 11.21
C GLY A 103 -25.16 9.27 11.22
N ALA A 104 -24.87 10.27 10.41
CA ALA A 104 -25.82 11.37 10.21
C ALA A 104 -27.24 10.87 9.89
N GLY A 105 -27.33 9.79 9.14
CA GLY A 105 -28.64 9.25 8.84
C GLY A 105 -29.33 8.67 10.04
N VAL A 106 -28.58 7.84 10.78
CA VAL A 106 -29.13 7.25 11.98
C VAL A 106 -29.61 8.34 12.90
N GLY A 107 -28.85 9.43 12.98
CA GLY A 107 -29.25 10.55 13.82
C GLY A 107 -30.54 11.19 13.35
N LEU A 108 -30.64 11.40 12.03
CA LEU A 108 -31.86 11.94 11.43
C LEU A 108 -33.10 11.11 11.77
N ILE A 109 -33.04 9.82 11.46
CA ILE A 109 -34.19 8.96 11.73
C ILE A 109 -34.49 8.92 13.23
N ALA A 110 -33.45 8.81 14.04
CA ALA A 110 -33.63 8.81 15.48
C ALA A 110 -34.45 10.03 15.86
N ALA A 111 -34.16 11.16 15.21
CA ALA A 111 -34.86 12.42 15.46
C ALA A 111 -36.32 12.37 15.06
N VAL A 112 -36.59 11.86 13.86
CA VAL A 112 -37.97 11.74 13.43
C VAL A 112 -38.81 10.87 14.36
N LEU A 113 -38.40 9.60 14.49
CA LEU A 113 -39.06 8.67 15.41
C LEU A 113 -39.25 9.20 16.83
N LEU A 114 -38.14 9.55 17.48
CA LEU A 114 -38.20 10.00 18.87
C LEU A 114 -39.10 11.23 19.01
N GLY A 115 -38.80 12.27 18.22
CA GLY A 115 -39.56 13.50 18.22
C GLY A 115 -41.00 13.41 17.72
N GLN A 116 -41.41 12.20 17.35
CA GLN A 116 -42.76 11.89 16.88
C GLN A 116 -43.05 12.51 15.52
N GLY A 117 -42.17 13.40 15.08
CA GLY A 117 -42.30 14.03 13.77
C GLY A 117 -43.03 15.35 13.88
N GLN A 118 -42.75 16.11 14.92
CA GLN A 118 -43.43 17.38 15.17
C GLN A 118 -42.35 18.44 15.36
N LEU A 119 -41.11 18.06 15.07
CA LEU A 119 -39.96 18.95 15.21
C LEU A 119 -40.07 20.13 14.25
N PRO A 120 -39.31 21.20 14.54
CA PRO A 120 -39.36 22.37 13.67
C PRO A 120 -38.32 22.37 12.58
N ASN A 121 -38.17 21.23 11.92
CA ASN A 121 -37.29 21.07 10.76
C ASN A 121 -35.76 21.12 11.07
N TRP A 122 -35.23 22.28 11.44
CA TRP A 122 -33.80 22.42 11.79
C TRP A 122 -33.28 21.43 12.83
N ALA A 123 -34.19 20.95 13.67
CA ALA A 123 -33.90 20.00 14.74
C ALA A 123 -33.37 18.72 14.10
N LEU A 124 -33.84 18.45 12.88
CA LEU A 124 -33.40 17.27 12.16
C LEU A 124 -31.96 17.45 11.68
N GLY A 125 -31.67 18.62 11.09
CA GLY A 125 -30.33 18.95 10.64
C GLY A 125 -29.33 18.77 11.76
N LEU A 126 -29.70 19.31 12.92
CA LEU A 126 -28.84 19.20 14.09
C LEU A 126 -28.58 17.73 14.49
N SER A 127 -29.61 16.90 14.38
CA SER A 127 -29.48 15.49 14.71
C SER A 127 -28.48 14.80 13.80
N ALA A 128 -28.57 15.12 12.51
CA ALA A 128 -27.63 14.59 11.53
C ALA A 128 -26.20 14.93 11.93
N ILE A 129 -25.99 16.18 12.34
CA ILE A 129 -24.64 16.56 12.76
C ILE A 129 -24.22 15.75 13.97
N ALA A 130 -25.18 15.49 14.85
CA ALA A 130 -24.96 14.67 16.03
C ALA A 130 -24.55 13.23 15.68
N GLY A 131 -25.25 12.60 14.75
CA GLY A 131 -24.90 11.24 14.35
C GLY A 131 -23.46 11.22 13.87
N ALA A 132 -23.11 12.20 13.02
CA ALA A 132 -21.75 12.25 12.49
C ALA A 132 -20.74 12.39 13.64
N LEU A 133 -21.04 13.28 14.58
CA LEU A 133 -20.12 13.52 15.70
C LEU A 133 -19.93 12.27 16.56
N ILE A 134 -21.03 11.58 16.84
CA ILE A 134 -20.95 10.33 17.58
C ILE A 134 -19.96 9.37 16.94
N ILE A 135 -20.22 9.06 15.68
CA ILE A 135 -19.33 8.14 14.99
C ILE A 135 -17.89 8.64 15.02
N THR A 136 -17.64 9.90 14.65
CA THR A 136 -16.24 10.31 14.58
C THR A 136 -15.57 10.19 15.95
N LEU A 137 -16.31 10.46 17.02
CA LEU A 137 -15.75 10.37 18.37
C LEU A 137 -15.33 8.93 18.66
N ILE A 138 -16.21 7.99 18.34
CA ILE A 138 -15.89 6.56 18.46
C ILE A 138 -14.60 6.22 17.71
N LEU A 139 -14.54 6.66 16.45
CA LEU A 139 -13.36 6.52 15.61
C LEU A 139 -12.09 7.01 16.30
N LEU A 140 -12.18 8.17 16.98
CA LEU A 140 -11.07 8.72 17.75
C LEU A 140 -10.66 7.77 18.90
N ARG A 141 -11.64 7.14 19.54
CA ARG A 141 -11.28 6.20 20.60
C ARG A 141 -10.61 4.98 19.99
N PHE A 142 -10.89 4.69 18.73
CA PHE A 142 -10.26 3.52 18.13
C PHE A 142 -8.86 3.86 17.68
N ALA A 143 -8.61 5.13 17.37
CA ALA A 143 -7.30 5.57 16.90
C ALA A 143 -6.34 5.84 18.03
N ARG A 144 -6.83 6.50 19.08
CA ARG A 144 -5.98 6.78 20.23
C ARG A 144 -5.30 5.57 20.82
N ARG A 145 -5.82 4.38 20.56
CA ARG A 145 -5.24 3.15 21.10
C ARG A 145 -3.93 2.75 20.40
N HIS A 146 -3.49 3.59 19.47
CA HIS A 146 -2.26 3.40 18.69
C HIS A 146 -2.42 2.31 17.64
N LEU A 147 -3.66 2.05 17.24
CA LEU A 147 -3.94 1.03 16.24
C LEU A 147 -3.34 1.45 14.90
N SER A 148 -2.86 0.47 14.15
CA SER A 148 -2.29 0.76 12.84
C SER A 148 -3.41 1.31 11.95
N THR A 149 -3.05 2.25 11.09
CA THR A 149 -3.97 2.80 10.10
C THR A 149 -4.71 1.69 9.37
N SER A 150 -3.99 0.67 8.93
CA SER A 150 -4.62 -0.44 8.25
C SER A 150 -5.80 -0.96 9.09
N ARG A 151 -5.59 -1.09 10.39
CA ARG A 151 -6.61 -1.66 11.27
C ARG A 151 -7.73 -0.64 11.54
N LEU A 152 -7.36 0.61 11.80
CA LEU A 152 -8.31 1.70 12.02
C LEU A 152 -9.32 1.87 10.88
N LEU A 153 -8.81 1.82 9.65
CA LEU A 153 -9.64 1.92 8.47
C LEU A 153 -10.69 0.85 8.46
N LEU A 154 -10.24 -0.40 8.66
CA LEU A 154 -11.09 -1.58 8.69
C LEU A 154 -12.17 -1.42 9.75
N ALA A 155 -11.76 -0.99 10.94
CA ALA A 155 -12.69 -0.72 12.01
C ALA A 155 -13.73 0.31 11.56
N GLY A 156 -13.29 1.36 10.88
CA GLY A 156 -14.22 2.36 10.37
C GLY A 156 -15.23 1.84 9.34
N VAL A 157 -14.74 1.03 8.40
CA VAL A 157 -15.58 0.44 7.37
C VAL A 157 -16.66 -0.36 8.06
N ALA A 158 -16.21 -1.09 9.08
CA ALA A 158 -17.09 -1.90 9.88
C ALA A 158 -18.17 -1.06 10.59
N LEU A 159 -17.78 0.06 11.21
CA LEU A 159 -18.75 1.01 11.78
C LEU A 159 -19.78 1.41 10.75
N GLY A 160 -19.31 1.70 9.55
CA GLY A 160 -20.22 2.14 8.53
C GLY A 160 -21.22 1.04 8.22
N ILE A 161 -20.72 -0.20 8.18
CA ILE A 161 -21.56 -1.36 7.89
C ILE A 161 -22.65 -1.52 8.94
N ILE A 162 -22.30 -1.36 10.21
CA ILE A 162 -23.29 -1.34 11.30
C ILE A 162 -24.34 -0.27 11.16
N SER A 163 -23.91 0.96 10.93
CA SER A 163 -24.83 2.06 10.79
C SER A 163 -25.81 1.87 9.62
N SER A 164 -25.35 1.28 8.51
CA SER A 164 -26.28 1.04 7.42
C SER A 164 -27.45 0.19 7.91
N ALA A 165 -27.11 -0.88 8.63
CA ALA A 165 -28.07 -1.87 9.08
C ALA A 165 -28.89 -1.27 10.19
N LEU A 166 -28.38 -0.23 10.81
CA LEU A 166 -29.11 0.38 11.90
C LEU A 166 -30.17 1.32 11.38
N MET A 167 -29.81 2.15 10.41
CA MET A 167 -30.82 3.05 9.92
C MET A 167 -31.79 2.31 9.01
N THR A 168 -31.40 1.19 8.43
CA THR A 168 -32.39 0.54 7.59
C THR A 168 -33.50 -0.09 8.43
N TRP A 169 -33.22 -0.38 9.68
CA TRP A 169 -34.23 -1.02 10.55
C TRP A 169 -35.23 -0.02 11.09
N ALA A 170 -34.75 1.17 11.40
CA ALA A 170 -35.61 2.22 11.93
C ALA A 170 -36.66 2.64 10.90
N ILE A 171 -36.31 2.49 9.61
CA ILE A 171 -37.22 2.82 8.52
C ILE A 171 -38.37 1.80 8.44
N TYR A 172 -38.19 0.68 9.13
CA TYR A 172 -39.17 -0.40 9.09
C TYR A 172 -40.37 -0.11 10.01
N PHE A 173 -40.15 0.74 11.03
CA PHE A 173 -41.21 1.08 11.98
C PHE A 173 -41.82 2.45 11.76
N SER A 174 -41.04 3.36 11.20
CA SER A 174 -41.51 4.72 10.98
C SER A 174 -42.74 4.73 10.11
N THR A 175 -43.77 5.39 10.59
CA THR A 175 -45.00 5.54 9.82
C THR A 175 -44.81 6.66 8.80
N SER A 176 -44.09 7.70 9.23
CA SER A 176 -43.80 8.88 8.43
C SER A 176 -42.75 8.58 7.33
N VAL A 177 -42.52 7.29 7.01
CA VAL A 177 -41.59 6.86 5.94
C VAL A 177 -42.08 7.40 4.63
N ASP A 178 -41.44 8.46 4.13
CA ASP A 178 -41.84 8.99 2.84
C ASP A 178 -41.09 8.22 1.77
N LEU A 179 -41.79 7.94 0.68
CA LEU A 179 -41.24 7.13 -0.40
C LEU A 179 -40.03 7.78 -1.07
N ARG A 180 -40.21 8.98 -1.62
CA ARG A 180 -39.10 9.70 -2.26
C ARG A 180 -38.09 10.37 -1.32
N GLN A 181 -38.52 10.95 -0.19
CA GLN A 181 -37.56 11.61 0.71
C GLN A 181 -36.41 10.68 1.05
N LEU A 182 -36.69 9.37 1.03
CA LEU A 182 -35.61 8.44 1.28
C LEU A 182 -34.63 8.52 0.13
N MET A 183 -35.13 8.56 -1.09
CA MET A 183 -34.24 8.53 -2.24
C MET A 183 -33.47 9.85 -2.40
N TYR A 184 -34.11 10.95 -2.04
CA TYR A 184 -33.43 12.23 -2.07
C TYR A 184 -32.41 12.30 -0.94
N TRP A 185 -32.66 11.62 0.17
CA TRP A 185 -31.71 11.66 1.25
C TRP A 185 -30.56 10.70 0.96
N MET A 186 -30.82 9.60 0.25
CA MET A 186 -29.72 8.63 0.03
C MET A 186 -28.98 8.80 -1.27
N MET A 187 -29.24 9.86 -2.03
CA MET A 187 -28.52 10.05 -3.28
C MET A 187 -28.25 11.56 -3.41
N GLY A 188 -28.76 12.29 -2.42
CA GLY A 188 -28.45 13.71 -2.27
C GLY A 188 -29.34 14.58 -3.08
N GLY A 189 -29.47 15.83 -2.67
CA GLY A 189 -30.31 16.76 -3.39
C GLY A 189 -30.45 18.03 -2.61
N PHE A 190 -30.54 19.15 -3.31
CA PHE A 190 -30.67 20.43 -2.63
C PHE A 190 -32.02 21.08 -2.93
N GLY A 191 -32.99 20.29 -3.40
CA GLY A 191 -34.30 20.78 -3.76
C GLY A 191 -34.85 21.81 -2.79
N GLY A 192 -35.05 21.40 -1.54
CA GLY A 192 -35.55 22.31 -0.54
C GLY A 192 -34.51 23.06 0.28
N VAL A 193 -33.62 23.80 -0.37
CA VAL A 193 -32.61 24.54 0.37
C VAL A 193 -32.75 26.06 0.24
N ASP A 194 -33.10 26.70 1.35
CA ASP A 194 -33.42 28.11 1.39
C ASP A 194 -32.34 28.79 2.24
N TRP A 195 -32.56 30.03 2.64
CA TRP A 195 -31.69 30.73 3.56
C TRP A 195 -31.84 30.19 4.98
N ARG A 196 -32.87 29.38 5.19
CA ARG A 196 -33.08 28.79 6.49
C ARG A 196 -31.88 27.90 6.86
N GLN A 197 -31.14 27.48 5.83
CA GLN A 197 -30.02 26.57 6.03
C GLN A 197 -28.70 27.32 6.16
N SER A 198 -28.83 28.64 6.30
CA SER A 198 -27.70 29.52 6.27
C SER A 198 -26.73 29.16 7.37
N TRP A 199 -27.27 28.79 8.53
CA TRP A 199 -26.39 28.42 9.64
C TRP A 199 -25.47 27.26 9.30
N LEU A 200 -26.00 26.24 8.62
CA LEU A 200 -25.15 25.14 8.21
C LEU A 200 -24.04 25.65 7.30
N MET A 201 -24.39 26.49 6.33
CA MET A 201 -23.41 27.04 5.37
C MET A 201 -22.33 27.79 6.13
N LEU A 202 -22.70 28.45 7.23
CA LEU A 202 -21.69 29.13 8.03
C LEU A 202 -20.79 28.08 8.70
N ALA A 203 -21.40 27.08 9.35
CA ALA A 203 -20.65 26.04 10.05
C ALA A 203 -19.63 25.29 9.18
N LEU A 204 -19.75 25.40 7.87
CA LEU A 204 -18.85 24.70 6.98
C LEU A 204 -17.62 25.54 6.68
N ILE A 205 -17.83 26.84 6.54
CA ILE A 205 -16.77 27.72 6.05
C ILE A 205 -15.46 27.67 6.84
N PRO A 206 -15.50 27.85 8.18
CA PRO A 206 -14.19 27.95 8.84
C PRO A 206 -13.34 26.71 8.68
N VAL A 207 -13.96 25.55 8.83
CA VAL A 207 -13.26 24.28 8.78
C VAL A 207 -12.66 24.04 7.41
N LEU A 208 -13.44 24.34 6.38
CA LEU A 208 -12.94 24.34 5.01
C LEU A 208 -11.69 25.22 4.84
N LEU A 209 -11.79 26.50 5.23
CA LEU A 209 -10.64 27.41 5.14
C LEU A 209 -9.44 26.84 5.82
N TRP A 210 -9.65 26.48 7.08
CA TRP A 210 -8.57 26.00 7.90
C TRP A 210 -7.86 24.79 7.32
N ILE A 211 -8.64 23.83 6.84
CA ILE A 211 -8.05 22.59 6.36
C ILE A 211 -7.28 22.79 5.05
N SER A 212 -7.64 23.81 4.28
CA SER A 212 -6.91 24.15 3.07
C SER A 212 -5.56 24.77 3.38
N SER A 213 -5.52 25.59 4.42
CA SER A 213 -4.27 26.22 4.82
C SER A 213 -3.23 25.16 5.19
N GLN A 214 -3.70 23.96 5.51
CA GLN A 214 -2.87 22.91 6.08
C GLN A 214 -2.28 22.02 5.01
N SER A 215 -1.34 22.58 4.25
CA SER A 215 -0.70 21.85 3.17
C SER A 215 0.56 21.19 3.63
N ARG A 216 1.35 21.92 4.40
CA ARG A 216 2.61 21.40 4.92
C ARG A 216 2.50 20.02 5.54
N PRO A 217 1.64 19.85 6.57
CA PRO A 217 1.63 18.52 7.21
C PRO A 217 1.17 17.43 6.25
N MET A 218 0.34 17.77 5.28
CA MET A 218 -0.09 16.75 4.33
C MET A 218 1.03 16.42 3.39
N ASN A 219 1.85 17.42 3.03
CA ASN A 219 3.04 17.12 2.25
C ASN A 219 4.00 16.26 2.98
N MET A 220 4.00 16.35 4.30
CA MET A 220 4.86 15.49 5.09
C MET A 220 4.30 14.07 5.20
N LEU A 221 2.98 13.94 5.34
CA LEU A 221 2.37 12.62 5.41
C LEU A 221 2.61 11.87 4.12
N ALA A 222 2.84 12.61 3.05
CA ALA A 222 3.05 12.04 1.72
C ALA A 222 4.35 11.24 1.70
N LEU A 223 5.24 11.45 2.68
CA LEU A 223 6.41 10.58 2.83
C LEU A 223 6.10 9.49 3.83
N GLY A 224 7.16 8.92 4.37
CA GLY A 224 7.00 7.84 5.31
C GLY A 224 6.30 8.34 6.55
N GLU A 225 5.73 7.41 7.28
CA GLU A 225 5.24 7.71 8.61
C GLU A 225 6.43 8.30 9.41
N ILE A 226 7.57 7.62 9.32
CA ILE A 226 8.77 7.93 10.11
C ILE A 226 9.52 9.20 9.65
N SER A 227 9.75 9.34 8.36
CA SER A 227 10.29 10.59 7.83
C SER A 227 9.49 11.80 8.30
N ALA A 228 8.16 11.67 8.27
CA ALA A 228 7.32 12.76 8.74
C ALA A 228 7.48 12.98 10.25
N ARG A 229 7.43 11.93 11.06
CA ARG A 229 7.61 12.10 12.52
C ARG A 229 8.93 12.84 12.80
N GLN A 230 9.97 12.44 12.07
CA GLN A 230 11.31 12.96 12.28
C GLN A 230 11.48 14.41 11.84
N LEU A 231 10.87 14.75 10.71
CA LEU A 231 10.86 16.11 10.20
C LEU A 231 10.10 17.06 11.13
N GLY A 232 9.42 16.49 12.14
CA GLY A 232 8.75 17.31 13.14
C GLY A 232 7.24 17.38 13.09
N LEU A 233 6.59 16.30 12.67
CA LEU A 233 5.13 16.25 12.64
C LEU A 233 4.64 15.42 13.79
N PRO A 234 3.59 15.90 14.44
CA PRO A 234 2.98 15.07 15.47
C PRO A 234 1.87 14.21 14.88
N LEU A 235 2.22 13.00 14.45
CA LEU A 235 1.25 12.12 13.85
C LEU A 235 0.04 11.83 14.71
N TRP A 236 0.29 11.42 15.94
CA TRP A 236 -0.76 11.00 16.83
C TRP A 236 -1.80 12.11 17.04
N PHE A 237 -1.43 13.33 16.70
CA PHE A 237 -2.33 14.46 16.80
C PHE A 237 -3.04 14.67 15.47
N TRP A 238 -2.27 14.84 14.41
CA TRP A 238 -2.83 15.17 13.09
C TRP A 238 -3.82 14.14 12.58
N ARG A 239 -3.55 12.87 12.86
CA ARG A 239 -4.50 11.82 12.54
C ARG A 239 -5.86 12.17 13.18
N ASN A 240 -5.84 12.50 14.49
CA ASN A 240 -7.08 12.82 15.21
C ASN A 240 -7.75 14.05 14.66
N VAL A 241 -6.96 15.09 14.42
CA VAL A 241 -7.50 16.29 13.83
C VAL A 241 -8.19 16.01 12.51
N LEU A 242 -7.46 15.42 11.57
CA LEU A 242 -8.01 15.06 10.27
C LEU A 242 -9.32 14.30 10.33
N VAL A 243 -9.36 13.24 11.12
CA VAL A 243 -10.62 12.52 11.27
C VAL A 243 -11.69 13.47 11.79
N ALA A 244 -11.31 14.37 12.71
CA ALA A 244 -12.30 15.28 13.27
C ALA A 244 -12.86 16.17 12.19
N ALA A 245 -11.98 16.87 11.50
CA ALA A 245 -12.34 17.87 10.50
C ALA A 245 -13.18 17.25 9.40
N THR A 246 -12.70 16.12 8.90
CA THR A 246 -13.44 15.37 7.90
C THR A 246 -14.83 15.01 8.40
N GLY A 247 -14.93 14.40 9.58
CA GLY A 247 -16.22 14.00 10.09
C GLY A 247 -17.18 15.16 10.25
N TRP A 248 -16.66 16.31 10.68
CA TRP A 248 -17.49 17.47 10.84
C TRP A 248 -18.00 17.95 9.49
N MET A 249 -17.11 18.01 8.50
CA MET A 249 -17.53 18.47 7.18
C MET A 249 -18.53 17.52 6.55
N VAL A 250 -18.24 16.23 6.60
CA VAL A 250 -19.17 15.27 6.04
C VAL A 250 -20.51 15.41 6.77
N GLY A 251 -20.43 15.62 8.08
CA GLY A 251 -21.61 15.72 8.92
C GLY A 251 -22.53 16.85 8.50
N VAL A 252 -21.96 18.04 8.44
CA VAL A 252 -22.73 19.18 7.99
C VAL A 252 -23.23 18.99 6.55
N SER A 253 -22.39 18.49 5.64
CA SER A 253 -22.86 18.25 4.27
C SER A 253 -24.08 17.37 4.21
N VAL A 254 -24.10 16.34 5.04
CA VAL A 254 -25.21 15.42 4.98
C VAL A 254 -26.42 16.09 5.58
N ALA A 255 -26.19 16.80 6.68
CA ALA A 255 -27.28 17.50 7.32
C ALA A 255 -27.86 18.52 6.36
N LEU A 256 -27.11 18.87 5.33
CA LEU A 256 -27.52 19.95 4.46
C LEU A 256 -28.13 19.42 3.16
N ALA A 257 -27.59 18.32 2.63
CA ALA A 257 -28.01 17.82 1.31
C ALA A 257 -28.25 16.30 1.24
N GLY A 258 -27.79 15.58 2.26
CA GLY A 258 -27.92 14.15 2.26
C GLY A 258 -26.64 13.47 1.80
N ALA A 259 -26.75 12.17 1.57
CA ALA A 259 -25.60 11.36 1.20
C ALA A 259 -25.18 11.61 -0.24
N ILE A 260 -24.00 12.20 -0.43
CA ILE A 260 -23.49 12.47 -1.78
C ILE A 260 -22.19 11.75 -2.01
N GLY A 261 -22.16 10.95 -3.06
CA GLY A 261 -20.95 10.23 -3.38
C GLY A 261 -20.28 10.78 -4.62
N PHE A 262 -19.36 9.99 -5.16
CA PHE A 262 -18.66 10.28 -6.41
C PHE A 262 -17.66 11.40 -6.26
N ILE A 263 -18.15 12.59 -5.91
CA ILE A 263 -17.23 13.73 -5.75
C ILE A 263 -15.98 13.44 -4.94
N GLY A 264 -16.17 13.03 -3.68
CA GLY A 264 -15.02 12.85 -2.79
C GLY A 264 -14.24 11.57 -3.03
N LEU A 265 -14.13 11.19 -4.29
CA LEU A 265 -13.47 9.97 -4.67
C LEU A 265 -12.81 10.22 -6.02
N VAL A 266 -13.60 10.75 -6.93
CA VAL A 266 -13.11 11.00 -8.25
C VAL A 266 -12.44 12.36 -8.33
N ILE A 267 -13.06 13.39 -7.79
CA ILE A 267 -12.46 14.72 -7.95
C ILE A 267 -11.02 14.76 -7.43
N PRO A 268 -10.71 14.00 -6.36
CA PRO A 268 -9.26 14.16 -6.12
C PRO A 268 -8.40 13.28 -7.00
N HIS A 269 -8.95 12.20 -7.52
CA HIS A 269 -8.16 11.33 -8.37
C HIS A 269 -7.86 12.03 -9.68
N ILE A 270 -8.89 12.61 -10.26
CA ILE A 270 -8.75 13.31 -11.53
C ILE A 270 -7.68 14.38 -11.47
N LEU A 271 -7.68 15.15 -10.39
CA LEU A 271 -6.70 16.17 -10.18
C LEU A 271 -5.28 15.60 -10.11
N ARG A 272 -5.10 14.47 -9.44
CA ARG A 272 -3.77 13.90 -9.32
C ARG A 272 -3.32 13.37 -10.66
N LEU A 273 -4.24 12.75 -11.39
CA LEU A 273 -3.93 12.18 -12.70
C LEU A 273 -3.54 13.26 -13.71
N SER A 274 -3.88 14.51 -13.40
CA SER A 274 -3.52 15.63 -14.24
C SER A 274 -2.22 16.27 -13.74
N GLY A 275 -1.60 15.65 -12.74
CA GLY A 275 -0.32 16.09 -12.22
C GLY A 275 -0.36 17.09 -11.09
N LEU A 276 -1.41 17.06 -10.28
CA LEU A 276 -1.45 17.88 -9.07
C LEU A 276 -1.11 17.04 -7.86
N THR A 277 0.19 16.97 -7.55
CA THR A 277 0.72 16.15 -6.47
C THR A 277 0.89 16.94 -5.17
N ASP A 278 1.51 18.10 -5.30
CA ASP A 278 1.74 18.98 -4.18
C ASP A 278 0.44 19.38 -3.51
N HIS A 279 0.43 19.35 -2.19
CA HIS A 279 -0.80 19.71 -1.52
C HIS A 279 -1.12 21.19 -1.55
N ARG A 280 -0.12 22.07 -1.58
CA ARG A 280 -0.38 23.50 -1.64
C ARG A 280 -1.17 23.87 -2.91
N VAL A 281 -1.18 22.98 -3.89
CA VAL A 281 -2.04 23.18 -5.06
C VAL A 281 -3.22 22.17 -5.10
N LEU A 282 -3.05 20.99 -4.51
CA LEU A 282 -4.11 19.96 -4.54
C LEU A 282 -5.26 20.28 -3.59
N LEU A 283 -4.92 20.75 -2.39
CA LEU A 283 -6.00 21.08 -1.46
C LEU A 283 -6.89 22.19 -2.00
N PRO A 284 -6.30 23.30 -2.49
CA PRO A 284 -7.23 24.27 -3.08
C PRO A 284 -7.87 23.77 -4.36
N GLY A 285 -7.08 23.06 -5.15
CA GLY A 285 -7.58 22.46 -6.38
C GLY A 285 -8.85 21.68 -6.13
N CYS A 286 -8.83 20.84 -5.10
CA CYS A 286 -9.96 19.97 -4.80
C CYS A 286 -11.21 20.76 -4.46
N ALA A 287 -11.01 21.85 -3.72
CA ALA A 287 -12.11 22.72 -3.33
C ALA A 287 -12.80 23.33 -4.56
N LEU A 288 -12.03 23.92 -5.47
CA LEU A 288 -12.64 24.55 -6.63
C LEU A 288 -13.23 23.52 -7.59
N ALA A 289 -12.51 22.43 -7.84
CA ALA A 289 -13.04 21.41 -8.75
C ALA A 289 -14.27 20.73 -8.14
N GLY A 290 -14.17 20.34 -6.87
CA GLY A 290 -15.30 19.71 -6.21
C GLY A 290 -16.54 20.58 -6.25
N ALA A 291 -16.34 21.87 -5.94
CA ALA A 291 -17.42 22.84 -5.97
C ALA A 291 -18.01 22.99 -7.37
N SER A 292 -17.16 23.08 -8.38
CA SER A 292 -17.67 23.22 -9.75
C SER A 292 -18.42 21.99 -10.21
N ALA A 293 -17.84 20.82 -9.99
CA ALA A 293 -18.46 19.59 -10.44
C ALA A 293 -19.86 19.47 -9.87
N LEU A 294 -19.97 19.63 -8.57
CA LEU A 294 -21.27 19.52 -7.89
C LEU A 294 -22.26 20.55 -8.40
N LEU A 295 -21.80 21.77 -8.59
CA LEU A 295 -22.69 22.81 -9.10
C LEU A 295 -23.29 22.38 -10.42
N LEU A 296 -22.45 21.85 -11.30
CA LEU A 296 -22.90 21.47 -12.62
C LEU A 296 -23.91 20.37 -12.48
N ALA A 297 -23.62 19.41 -11.61
CA ALA A 297 -24.51 18.28 -11.44
C ALA A 297 -25.83 18.77 -10.89
N ASP A 298 -25.80 19.86 -10.13
CA ASP A 298 -27.05 20.41 -9.61
C ASP A 298 -27.84 21.11 -10.71
N ILE A 299 -27.14 21.87 -11.56
CA ILE A 299 -27.84 22.59 -12.62
C ILE A 299 -28.46 21.61 -13.58
N VAL A 300 -28.00 20.37 -13.54
CA VAL A 300 -28.42 19.42 -14.54
C VAL A 300 -29.34 18.44 -13.88
N ALA A 301 -29.60 18.64 -12.59
CA ALA A 301 -30.46 17.69 -11.89
C ALA A 301 -31.75 18.37 -11.50
N ARG A 302 -31.81 19.68 -11.69
CA ARG A 302 -33.02 20.37 -11.26
C ARG A 302 -33.83 20.74 -12.48
N LEU A 303 -33.17 20.96 -13.60
CA LEU A 303 -33.91 21.34 -14.79
C LEU A 303 -33.71 20.33 -15.90
N ALA A 304 -33.54 19.08 -15.54
CA ALA A 304 -33.34 18.07 -16.57
C ALA A 304 -34.61 17.30 -16.79
N LEU A 305 -35.48 17.32 -15.80
CA LEU A 305 -36.72 16.59 -15.94
C LEU A 305 -37.84 17.55 -15.55
N ALA A 306 -38.60 18.00 -16.54
CA ALA A 306 -39.74 18.87 -16.29
C ALA A 306 -40.65 18.26 -15.22
N ALA A 307 -40.71 16.93 -15.19
CA ALA A 307 -41.57 16.22 -14.23
C ALA A 307 -41.22 16.54 -12.79
N ALA A 308 -39.99 16.21 -12.40
CA ALA A 308 -39.52 16.48 -11.04
C ALA A 308 -38.00 16.74 -11.01
N GLU A 309 -37.44 16.65 -9.82
CA GLU A 309 -36.03 16.93 -9.65
C GLU A 309 -35.25 15.65 -9.49
N LEU A 310 -34.24 15.41 -10.31
CA LEU A 310 -33.44 14.19 -10.14
C LEU A 310 -32.55 14.32 -8.92
N PRO A 311 -32.04 13.18 -8.43
CA PRO A 311 -31.12 13.29 -7.31
C PRO A 311 -29.69 13.38 -7.77
N ILE A 312 -28.85 14.12 -7.09
CA ILE A 312 -27.52 14.35 -7.63
C ILE A 312 -26.75 13.05 -7.86
N GLY A 313 -26.94 12.07 -6.97
CA GLY A 313 -26.24 10.79 -7.13
C GLY A 313 -26.45 10.09 -8.48
N VAL A 314 -27.37 10.63 -9.27
CA VAL A 314 -27.60 10.11 -10.61
C VAL A 314 -26.74 10.90 -11.54
N VAL A 315 -27.11 12.15 -11.78
CA VAL A 315 -26.41 12.95 -12.76
C VAL A 315 -24.90 13.01 -12.55
N THR A 316 -24.49 13.08 -11.28
CA THR A 316 -23.09 13.15 -10.87
C THR A 316 -22.31 11.99 -11.51
N ALA A 317 -22.77 10.76 -11.27
CA ALA A 317 -22.06 9.60 -11.78
C ALA A 317 -22.29 9.38 -13.26
N THR A 318 -23.51 9.70 -13.67
CA THR A 318 -23.96 9.60 -15.06
C THR A 318 -23.04 10.36 -15.98
N LEU A 319 -22.59 11.53 -15.55
CA LEU A 319 -21.71 12.28 -16.41
C LEU A 319 -20.27 12.07 -16.03
N GLY A 320 -20.02 11.94 -14.75
CA GLY A 320 -18.65 11.89 -14.30
C GLY A 320 -17.87 10.68 -14.74
N ALA A 321 -18.36 9.50 -14.41
CA ALA A 321 -17.68 8.26 -14.79
C ALA A 321 -17.35 8.11 -16.33
N PRO A 322 -18.32 8.41 -17.26
CA PRO A 322 -17.97 8.39 -18.69
C PRO A 322 -16.72 9.20 -19.00
N VAL A 323 -16.77 10.46 -18.58
CA VAL A 323 -15.65 11.39 -18.67
C VAL A 323 -14.42 10.85 -17.94
N PHE A 324 -14.65 10.21 -16.80
CA PHE A 324 -13.57 9.62 -16.00
C PHE A 324 -12.79 8.54 -16.78
N ILE A 325 -13.49 7.53 -17.32
CA ILE A 325 -12.87 6.50 -18.18
C ILE A 325 -12.12 7.12 -19.35
N TRP A 326 -12.66 8.22 -19.84
CA TRP A 326 -12.08 8.88 -20.99
C TRP A 326 -10.71 9.42 -20.61
N LEU A 327 -10.48 9.62 -19.31
CA LEU A 327 -9.20 10.16 -18.83
C LEU A 327 -8.17 9.08 -18.44
N LEU A 328 -8.64 7.89 -18.07
CA LEU A 328 -7.71 6.78 -17.78
C LEU A 328 -7.46 5.92 -19.03
N LEU A 329 -8.47 5.82 -19.89
CA LEU A 329 -8.40 5.04 -21.15
C LEU A 329 -7.14 5.38 -21.91
N LYS A 330 -6.88 6.66 -22.08
CA LYS A 330 -5.72 7.08 -22.82
C LYS A 330 -4.82 7.97 -21.95
N ALA A 331 -5.30 9.17 -21.65
CA ALA A 331 -4.56 10.12 -20.84
C ALA A 331 -4.20 9.55 -19.46
N MET B 8 12.25 -26.96 13.26
CA MET B 8 13.50 -27.48 12.73
C MET B 8 13.48 -29.00 12.42
N LEU B 9 12.65 -29.46 11.48
CA LEU B 9 11.68 -28.65 10.75
C LEU B 9 10.28 -28.98 11.26
N THR B 10 10.18 -29.04 12.58
CA THR B 10 8.92 -29.38 13.21
C THR B 10 7.93 -28.24 12.99
N LEU B 11 8.41 -27.06 12.62
CA LEU B 11 7.55 -25.91 12.35
C LEU B 11 6.61 -26.09 11.14
N ALA B 12 7.19 -26.55 10.03
CA ALA B 12 6.48 -26.83 8.78
C ALA B 12 5.32 -27.78 9.01
N ARG B 13 5.53 -28.71 9.94
CA ARG B 13 4.54 -29.72 10.29
C ARG B 13 3.56 -29.23 11.35
N GLN B 14 4.10 -28.47 12.31
CA GLN B 14 3.31 -27.87 13.40
C GLN B 14 2.18 -27.03 12.81
N GLN B 15 2.55 -26.11 11.93
CA GLN B 15 1.53 -25.29 11.30
C GLN B 15 0.58 -26.15 10.49
N GLN B 16 1.05 -27.26 9.93
CA GLN B 16 0.19 -28.20 9.21
C GLN B 16 -0.91 -28.82 10.11
N ARG B 17 -0.54 -29.27 11.31
CA ARG B 17 -1.53 -29.78 12.26
C ARG B 17 -2.55 -28.67 12.59
N GLN B 18 -2.07 -27.45 12.84
CA GLN B 18 -3.04 -26.41 13.19
C GLN B 18 -3.94 -26.07 11.99
N ASN B 19 -3.38 -26.15 10.78
CA ASN B 19 -4.15 -25.93 9.55
C ASN B 19 -5.28 -26.93 9.43
N ILE B 20 -4.93 -28.22 9.52
CA ILE B 20 -5.93 -29.24 9.40
C ILE B 20 -7.00 -29.11 10.48
N ARG B 21 -6.61 -28.79 11.72
CA ARG B 21 -7.63 -28.57 12.75
C ARG B 21 -8.61 -27.45 12.39
N TRP B 22 -8.08 -26.31 11.93
CA TRP B 22 -8.96 -25.22 11.47
C TRP B 22 -9.93 -25.68 10.38
N LEU B 23 -9.41 -26.25 9.29
CA LEU B 23 -10.29 -26.70 8.20
C LEU B 23 -11.34 -27.70 8.66
N LEU B 24 -10.97 -28.59 9.57
CA LEU B 24 -11.93 -29.56 10.13
C LEU B 24 -13.05 -28.84 10.85
N SER B 25 -12.66 -27.87 11.68
CA SER B 25 -13.66 -27.08 12.40
C SER B 25 -14.63 -26.38 11.43
N LEU B 26 -14.08 -25.65 10.48
CA LEU B 26 -14.89 -24.96 9.49
C LEU B 26 -15.84 -25.92 8.73
N SER B 27 -15.32 -27.05 8.25
CA SER B 27 -16.19 -27.98 7.52
C SER B 27 -17.30 -28.55 8.38
N VAL B 28 -16.97 -28.93 9.61
CA VAL B 28 -17.98 -29.47 10.55
C VAL B 28 -19.09 -28.46 10.84
N LEU B 29 -18.68 -27.22 11.08
CA LEU B 29 -19.62 -26.11 11.22
C LEU B 29 -20.50 -26.00 9.99
N MET B 30 -19.90 -26.11 8.82
CA MET B 30 -20.69 -26.04 7.60
C MET B 30 -21.72 -27.18 7.54
N LEU B 31 -21.34 -28.42 7.83
CA LEU B 31 -22.33 -29.51 7.86
C LEU B 31 -23.46 -29.21 8.80
N LEU B 32 -23.12 -28.80 10.02
CA LEU B 32 -24.17 -28.51 10.96
C LEU B 32 -25.11 -27.45 10.42
N ALA B 33 -24.56 -26.41 9.79
CA ALA B 33 -25.42 -25.40 9.16
C ALA B 33 -26.32 -26.04 8.11
N LEU B 34 -25.78 -27.01 7.40
CA LEU B 34 -26.54 -27.70 6.39
C LEU B 34 -27.74 -28.38 7.02
N LEU B 35 -27.53 -29.23 8.03
CA LEU B 35 -28.67 -29.91 8.62
C LEU B 35 -29.61 -28.90 9.23
N LEU B 36 -29.05 -27.79 9.72
CA LEU B 36 -29.84 -26.76 10.37
C LEU B 36 -30.88 -26.28 9.40
N SER B 37 -30.46 -25.74 8.27
CA SER B 37 -31.43 -25.18 7.34
C SER B 37 -32.32 -26.25 6.74
N LEU B 38 -31.82 -27.47 6.69
CA LEU B 38 -32.60 -28.55 6.11
C LEU B 38 -33.81 -28.85 7.01
N SER B 39 -33.76 -28.37 8.26
CA SER B 39 -34.84 -28.68 9.21
C SER B 39 -35.51 -27.43 9.71
N ALA B 40 -34.75 -26.38 9.85
CA ALA B 40 -35.34 -25.15 10.34
C ALA B 40 -36.26 -24.59 9.28
N GLY B 41 -37.25 -23.87 9.76
CA GLY B 41 -38.19 -23.20 8.91
C GLY B 41 -39.51 -23.02 9.62
N GLU B 42 -40.54 -22.95 8.79
CA GLU B 42 -41.90 -22.79 9.25
C GLU B 42 -42.18 -23.90 10.24
N GLN B 43 -41.89 -25.12 9.81
CA GLN B 43 -42.05 -26.29 10.65
C GLN B 43 -40.80 -27.15 10.74
N TRP B 44 -40.22 -27.15 11.94
CA TRP B 44 -39.04 -27.94 12.22
C TRP B 44 -39.29 -29.40 11.95
N ILE B 45 -38.57 -29.91 10.98
CA ILE B 45 -38.67 -31.29 10.61
C ILE B 45 -37.42 -32.04 11.11
N SER B 46 -37.55 -32.70 12.28
CA SER B 46 -36.47 -33.52 12.80
C SER B 46 -36.02 -34.59 11.79
N PRO B 47 -34.70 -34.85 11.73
CA PRO B 47 -34.09 -35.78 10.77
C PRO B 47 -34.77 -37.15 10.69
N GLY B 48 -35.50 -37.52 11.75
CA GLY B 48 -36.27 -38.75 11.73
C GLY B 48 -37.35 -38.72 10.67
N ASP B 49 -38.14 -37.65 10.67
CA ASP B 49 -39.28 -37.58 9.77
C ASP B 49 -38.88 -36.89 8.46
N TRP B 50 -37.81 -37.37 7.85
CA TRP B 50 -37.31 -36.70 6.66
C TRP B 50 -37.74 -37.45 5.42
N PHE B 51 -38.42 -38.57 5.61
CA PHE B 51 -38.86 -39.39 4.47
C PHE B 51 -40.37 -39.40 4.37
N THR B 52 -41.00 -38.66 5.26
CA THR B 52 -42.44 -38.55 5.25
C THR B 52 -42.77 -37.68 4.05
N PRO B 53 -44.03 -37.66 3.63
CA PRO B 53 -44.42 -36.79 2.52
C PRO B 53 -44.08 -35.30 2.76
N ARG B 54 -43.98 -34.89 4.04
CA ARG B 54 -43.58 -33.52 4.39
C ARG B 54 -42.10 -33.36 4.16
N GLY B 55 -41.36 -34.42 4.42
CA GLY B 55 -39.93 -34.39 4.19
C GLY B 55 -39.62 -34.34 2.68
N GLU B 56 -40.48 -34.96 1.88
CA GLU B 56 -40.19 -35.06 0.46
C GLU B 56 -40.58 -33.76 -0.25
N LEU B 57 -41.29 -32.89 0.45
CA LEU B 57 -41.71 -31.65 -0.19
C LEU B 57 -40.96 -30.49 0.41
N PHE B 58 -40.57 -30.64 1.66
CA PHE B 58 -39.88 -29.55 2.32
C PHE B 58 -38.37 -29.71 2.42
N VAL B 59 -37.93 -30.96 2.49
CA VAL B 59 -36.53 -31.22 2.73
C VAL B 59 -35.97 -31.93 1.52
N TRP B 60 -36.45 -31.54 0.35
CA TRP B 60 -36.02 -32.17 -0.88
C TRP B 60 -36.23 -31.27 -2.05
N GLN B 61 -37.42 -30.73 -2.24
CA GLN B 61 -37.54 -29.78 -3.33
C GLN B 61 -37.70 -28.35 -2.88
N ILE B 62 -37.45 -28.12 -1.60
CA ILE B 62 -37.50 -26.78 -1.05
C ILE B 62 -36.20 -26.37 -0.32
N ARG B 63 -35.94 -26.88 0.88
CA ARG B 63 -34.75 -26.42 1.58
C ARG B 63 -33.43 -27.01 1.01
N LEU B 64 -33.46 -28.25 0.52
CA LEU B 64 -32.21 -28.80 0.02
C LEU B 64 -31.61 -28.14 -1.21
N PRO B 65 -32.44 -27.79 -2.21
CA PRO B 65 -31.72 -27.16 -3.30
C PRO B 65 -31.43 -25.68 -3.04
N ARG B 66 -32.17 -25.08 -2.12
CA ARG B 66 -31.94 -23.67 -1.82
C ARG B 66 -30.70 -23.57 -0.95
N THR B 67 -30.52 -24.52 -0.03
CA THR B 67 -29.39 -24.48 0.91
C THR B 67 -28.11 -24.70 0.13
N LEU B 68 -28.15 -25.57 -0.88
CA LEU B 68 -26.96 -25.92 -1.64
C LEU B 68 -26.47 -24.69 -2.35
N ALA B 69 -27.40 -23.95 -2.95
CA ALA B 69 -27.06 -22.77 -3.74
C ALA B 69 -26.42 -21.77 -2.80
N VAL B 70 -27.04 -21.58 -1.65
CA VAL B 70 -26.43 -20.69 -0.69
C VAL B 70 -24.99 -21.06 -0.30
N LEU B 71 -24.76 -22.33 0.01
CA LEU B 71 -23.38 -22.71 0.31
C LEU B 71 -22.47 -22.34 -0.87
N LEU B 72 -22.91 -22.65 -2.08
CA LEU B 72 -22.08 -22.41 -3.25
C LEU B 72 -21.75 -20.94 -3.43
N VAL B 73 -22.76 -20.09 -3.36
CA VAL B 73 -22.56 -18.68 -3.57
C VAL B 73 -21.69 -18.11 -2.47
N GLY B 74 -21.95 -18.47 -1.21
CA GLY B 74 -21.16 -17.99 -0.09
C GLY B 74 -19.69 -18.34 -0.28
N ALA B 75 -19.43 -19.58 -0.68
CA ALA B 75 -18.04 -19.93 -0.90
C ALA B 75 -17.46 -19.07 -2.01
N ALA B 76 -18.21 -18.95 -3.11
CA ALA B 76 -17.75 -18.18 -4.27
C ALA B 76 -17.44 -16.73 -3.88
N LEU B 77 -18.37 -16.06 -3.21
CA LEU B 77 -18.14 -14.68 -2.85
C LEU B 77 -16.89 -14.56 -1.98
N ALA B 78 -16.80 -15.35 -0.91
CA ALA B 78 -15.65 -15.18 -0.03
C ALA B 78 -14.32 -15.42 -0.75
N ILE B 79 -14.26 -16.48 -1.55
CA ILE B 79 -13.04 -16.78 -2.28
C ILE B 79 -12.68 -15.64 -3.19
N SER B 80 -13.67 -15.18 -3.97
CA SER B 80 -13.47 -14.02 -4.86
C SER B 80 -12.89 -12.81 -4.13
N GLY B 81 -13.44 -12.57 -2.94
CA GLY B 81 -12.92 -11.54 -2.06
C GLY B 81 -11.44 -11.73 -1.79
N ALA B 82 -11.07 -12.89 -1.25
CA ALA B 82 -9.67 -13.18 -0.95
C ALA B 82 -8.77 -12.96 -2.17
N VAL B 83 -9.18 -13.53 -3.30
CA VAL B 83 -8.40 -13.40 -4.52
C VAL B 83 -8.17 -11.94 -4.91
N MET B 84 -9.24 -11.14 -4.94
CA MET B 84 -9.10 -9.74 -5.34
C MET B 84 -8.26 -8.94 -4.36
N GLN B 85 -8.55 -9.07 -3.08
CA GLN B 85 -7.78 -8.36 -2.06
C GLN B 85 -6.26 -8.55 -2.16
N ALA B 86 -5.91 -9.71 -2.70
CA ALA B 86 -4.50 -10.03 -2.82
C ALA B 86 -3.98 -9.71 -4.20
N LEU B 87 -4.87 -9.40 -5.10
CA LEU B 87 -4.49 -9.16 -6.50
C LEU B 87 -4.28 -7.70 -6.76
N PHE B 88 -5.12 -6.92 -6.09
CA PHE B 88 -5.12 -5.48 -6.20
C PHE B 88 -4.33 -4.87 -5.04
N GLU B 89 -3.89 -5.74 -4.12
CA GLU B 89 -3.04 -5.33 -3.00
C GLU B 89 -3.73 -4.35 -2.10
N ASN B 90 -5.00 -4.59 -1.81
CA ASN B 90 -5.84 -3.60 -1.15
C ASN B 90 -6.94 -4.24 -0.30
N PRO B 91 -7.03 -3.84 0.98
CA PRO B 91 -8.01 -4.36 1.94
C PRO B 91 -9.47 -4.26 1.53
N LEU B 92 -9.88 -3.13 0.99
CA LEU B 92 -11.27 -2.94 0.52
C LEU B 92 -11.67 -3.63 -0.76
N ALA B 93 -10.83 -4.46 -1.38
CA ALA B 93 -11.24 -5.10 -2.61
C ALA B 93 -12.37 -6.04 -2.24
N GLU B 94 -13.50 -5.87 -2.93
CA GLU B 94 -14.70 -6.64 -2.72
C GLU B 94 -15.00 -7.36 -4.04
N PRO B 95 -16.17 -8.04 -4.14
CA PRO B 95 -16.33 -8.52 -5.50
C PRO B 95 -17.18 -7.59 -6.42
N GLY B 96 -18.18 -6.96 -5.81
CA GLY B 96 -19.01 -6.05 -6.58
C GLY B 96 -18.34 -4.69 -6.70
N LEU B 97 -17.02 -4.69 -6.90
CA LEU B 97 -16.30 -3.44 -6.93
C LEU B 97 -15.77 -3.11 -8.31
N LEU B 98 -15.75 -4.09 -9.20
CA LEU B 98 -15.30 -3.79 -10.55
C LEU B 98 -16.45 -3.71 -11.51
N GLY B 99 -17.68 -3.66 -10.97
CA GLY B 99 -18.83 -3.49 -11.82
C GLY B 99 -19.50 -4.76 -12.27
N VAL B 100 -18.76 -5.86 -12.32
CA VAL B 100 -19.33 -7.17 -12.64
C VAL B 100 -20.70 -7.41 -11.95
N SER B 101 -20.78 -7.15 -10.64
CA SER B 101 -22.03 -7.34 -9.93
C SER B 101 -23.12 -6.45 -10.53
N ASN B 102 -22.73 -5.28 -11.00
CA ASN B 102 -23.66 -4.31 -11.55
C ASN B 102 -23.92 -4.65 -13.00
N GLY B 103 -22.89 -5.15 -13.66
CA GLY B 103 -22.99 -5.57 -15.04
C GLY B 103 -24.11 -6.58 -15.17
N ALA B 104 -24.07 -7.64 -14.36
CA ALA B 104 -25.16 -8.62 -14.37
C ALA B 104 -26.53 -7.98 -14.31
N GLY B 105 -26.66 -6.92 -13.53
CA GLY B 105 -27.94 -6.24 -13.39
C GLY B 105 -28.38 -5.54 -14.65
N VAL B 106 -27.43 -4.83 -15.24
CA VAL B 106 -27.69 -4.17 -16.50
C VAL B 106 -28.19 -5.18 -17.51
N GLY B 107 -27.58 -6.36 -17.48
CA GLY B 107 -27.95 -7.44 -18.39
C GLY B 107 -29.37 -7.93 -18.14
N LEU B 108 -29.71 -8.10 -16.87
CA LEU B 108 -31.05 -8.47 -16.48
C LEU B 108 -32.09 -7.53 -16.99
N ILE B 109 -31.93 -6.25 -16.67
CA ILE B 109 -32.92 -5.29 -17.10
C ILE B 109 -33.04 -5.25 -18.62
N ALA B 110 -31.88 -5.22 -19.28
CA ALA B 110 -31.84 -5.22 -20.73
C ALA B 110 -32.69 -6.35 -21.24
N ALA B 111 -32.62 -7.49 -20.54
CA ALA B 111 -33.38 -8.67 -20.91
C ALA B 111 -34.87 -8.44 -20.73
N VAL B 112 -35.28 -7.94 -19.57
CA VAL B 112 -36.71 -7.69 -19.37
C VAL B 112 -37.28 -6.71 -20.40
N LEU B 113 -36.78 -5.47 -20.41
CA LEU B 113 -37.20 -4.49 -21.38
C LEU B 113 -37.19 -5.03 -22.83
N LEU B 114 -36.05 -5.51 -23.33
CA LEU B 114 -35.99 -6.00 -24.71
C LEU B 114 -37.03 -7.09 -24.96
N GLY B 115 -37.02 -8.11 -24.11
CA GLY B 115 -37.98 -9.18 -24.20
C GLY B 115 -39.42 -8.80 -23.87
N GLN B 116 -39.63 -7.52 -23.57
CA GLN B 116 -40.97 -6.94 -23.26
C GLN B 116 -41.56 -7.44 -21.94
N GLY B 117 -40.91 -8.44 -21.36
CA GLY B 117 -41.34 -8.98 -20.09
C GLY B 117 -42.17 -10.23 -20.25
N GLN B 118 -41.77 -11.07 -21.21
CA GLN B 118 -42.47 -12.30 -21.50
C GLN B 118 -41.49 -13.47 -21.50
N LEU B 119 -40.26 -13.22 -21.05
CA LEU B 119 -39.22 -14.25 -21.07
C LEU B 119 -39.55 -15.43 -20.15
N PRO B 120 -38.88 -16.58 -20.38
CA PRO B 120 -39.19 -17.78 -19.59
C PRO B 120 -38.28 -17.99 -18.40
N ASN B 121 -38.02 -16.92 -17.66
CA ASN B 121 -37.21 -16.97 -16.46
C ASN B 121 -35.73 -17.31 -16.70
N TRP B 122 -35.41 -18.55 -17.07
CA TRP B 122 -34.01 -18.96 -17.30
C TRP B 122 -33.23 -18.04 -18.26
N ALA B 123 -33.95 -17.37 -19.15
CA ALA B 123 -33.39 -16.42 -20.11
C ALA B 123 -32.80 -15.23 -19.36
N LEU B 124 -33.39 -14.92 -18.21
CA LEU B 124 -32.93 -13.79 -17.41
C LEU B 124 -31.58 -14.11 -16.76
N GLY B 125 -31.43 -15.31 -16.21
CA GLY B 125 -30.17 -15.72 -15.64
C GLY B 125 -29.03 -15.57 -16.62
N LEU B 126 -29.28 -16.03 -17.85
CA LEU B 126 -28.30 -15.96 -18.93
C LEU B 126 -27.93 -14.51 -19.22
N SER B 127 -28.92 -13.64 -19.16
CA SER B 127 -28.68 -12.23 -19.37
C SER B 127 -27.73 -11.69 -18.33
N ALA B 128 -27.98 -12.06 -17.08
CA ALA B 128 -27.12 -11.65 -15.99
C ALA B 128 -25.68 -12.13 -16.23
N ILE B 129 -25.54 -13.38 -16.66
CA ILE B 129 -24.20 -13.90 -16.89
C ILE B 129 -23.51 -13.15 -18.03
N ALA B 130 -24.32 -12.78 -19.01
CA ALA B 130 -23.87 -11.99 -20.13
C ALA B 130 -23.33 -10.61 -19.71
N GLY B 131 -24.07 -9.91 -18.86
CA GLY B 131 -23.60 -8.63 -18.36
C GLY B 131 -22.26 -8.81 -17.67
N ALA B 132 -22.19 -9.85 -16.82
CA ALA B 132 -20.95 -10.08 -16.10
C ALA B 132 -19.77 -10.30 -17.08
N LEU B 133 -19.97 -11.13 -18.09
CA LEU B 133 -18.91 -11.41 -19.07
C LEU B 133 -18.50 -10.16 -19.84
N ILE B 134 -19.48 -9.37 -20.25
CA ILE B 134 -19.17 -8.13 -20.94
C ILE B 134 -18.17 -7.34 -20.10
N ILE B 135 -18.57 -7.04 -18.88
CA ILE B 135 -17.66 -6.26 -18.06
C ILE B 135 -16.28 -6.87 -17.89
N THR B 136 -16.23 -8.13 -17.46
CA THR B 136 -14.92 -8.70 -17.19
C THR B 136 -14.06 -8.65 -18.46
N LEU B 137 -14.70 -8.81 -19.62
CA LEU B 137 -14.02 -8.75 -20.91
C LEU B 137 -13.37 -7.39 -21.14
N ILE B 138 -14.15 -6.36 -20.88
CA ILE B 138 -13.65 -5.00 -20.94
C ILE B 138 -12.43 -4.81 -20.03
N LEU B 139 -12.58 -5.23 -18.78
CA LEU B 139 -11.52 -5.19 -17.78
C LEU B 139 -10.23 -5.84 -18.27
N LEU B 140 -10.36 -6.97 -18.96
CA LEU B 140 -9.22 -7.64 -19.57
C LEU B 140 -8.58 -6.73 -20.62
N ARG B 141 -9.40 -6.03 -21.42
CA ARG B 141 -8.77 -5.16 -22.40
C ARG B 141 -8.04 -4.03 -21.72
N PHE B 142 -8.46 -3.67 -20.50
CA PHE B 142 -7.82 -2.57 -19.78
C PHE B 142 -6.54 -3.05 -19.11
N ALA B 143 -6.48 -4.35 -18.82
CA ALA B 143 -5.32 -4.92 -18.15
C ALA B 143 -4.21 -5.27 -19.13
N ARG B 144 -4.59 -5.87 -20.25
CA ARG B 144 -3.66 -6.35 -21.27
C ARG B 144 -2.73 -5.25 -21.77
N ARG B 145 -3.17 -4.01 -21.58
CA ARG B 145 -2.41 -2.84 -21.99
C ARG B 145 -1.20 -2.56 -21.08
N HIS B 146 -0.95 -3.45 -20.13
CA HIS B 146 0.18 -3.38 -19.18
C HIS B 146 -0.01 -2.28 -18.14
N LEU B 147 -1.26 -1.93 -17.88
CA LEU B 147 -1.56 -0.86 -16.92
C LEU B 147 -1.08 -1.30 -15.54
N SER B 148 -0.55 -0.36 -14.75
CA SER B 148 -0.15 -0.68 -13.39
C SER B 148 -1.41 -1.07 -12.60
N THR B 149 -1.26 -1.95 -11.63
CA THR B 149 -2.36 -2.38 -10.75
C THR B 149 -3.24 -1.25 -10.22
N SER B 150 -2.61 -0.22 -9.65
CA SER B 150 -3.33 0.93 -9.13
C SER B 150 -4.29 1.54 -10.16
N ARG B 151 -3.78 1.68 -11.39
CA ARG B 151 -4.54 2.31 -12.47
C ARG B 151 -5.69 1.42 -12.91
N LEU B 152 -5.42 0.13 -13.04
CA LEU B 152 -6.45 -0.87 -13.38
C LEU B 152 -7.60 -0.92 -12.41
N LEU B 153 -7.27 -0.89 -11.12
CA LEU B 153 -8.30 -0.89 -10.08
C LEU B 153 -9.15 0.33 -10.29
N LEU B 154 -8.53 1.51 -10.37
CA LEU B 154 -9.29 2.77 -10.53
C LEU B 154 -10.25 2.74 -11.74
N ALA B 155 -9.71 2.33 -12.89
CA ALA B 155 -10.55 2.18 -14.06
C ALA B 155 -11.71 1.22 -13.80
N GLY B 156 -11.44 0.10 -13.14
CA GLY B 156 -12.48 -0.87 -12.82
C GLY B 156 -13.57 -0.29 -11.94
N VAL B 157 -13.17 0.46 -10.91
CA VAL B 157 -14.15 1.09 -10.03
C VAL B 157 -15.05 1.98 -10.86
N ALA B 158 -14.40 2.70 -11.76
CA ALA B 158 -15.09 3.62 -12.65
C ALA B 158 -16.13 2.90 -13.54
N LEU B 159 -15.75 1.76 -14.11
CA LEU B 159 -16.73 0.91 -14.81
C LEU B 159 -17.92 0.62 -13.90
N GLY B 160 -17.66 0.33 -12.63
CA GLY B 160 -18.77 0.01 -11.75
C GLY B 160 -19.71 1.19 -11.56
N ILE B 161 -19.13 2.38 -11.48
CA ILE B 161 -19.94 3.58 -11.32
C ILE B 161 -20.83 3.82 -12.55
N ILE B 162 -20.25 3.66 -13.75
CA ILE B 162 -21.02 3.73 -15.01
C ILE B 162 -22.17 2.75 -15.05
N SER B 163 -21.90 1.50 -14.73
CA SER B 163 -22.97 0.49 -14.71
C SER B 163 -24.07 0.86 -13.70
N SER B 164 -23.70 1.43 -12.54
CA SER B 164 -24.71 1.91 -11.60
C SER B 164 -25.63 2.92 -12.23
N ALA B 165 -24.99 3.88 -12.91
CA ALA B 165 -25.77 4.97 -13.47
C ALA B 165 -26.57 4.47 -14.66
N LEU B 166 -26.17 3.34 -15.24
CA LEU B 166 -26.92 2.84 -16.39
C LEU B 166 -28.10 2.02 -15.95
N MET B 167 -27.87 1.25 -14.91
CA MET B 167 -28.87 0.36 -14.40
C MET B 167 -29.96 1.19 -13.75
N THR B 168 -29.61 2.35 -13.23
CA THR B 168 -30.65 3.13 -12.60
C THR B 168 -31.59 3.76 -13.61
N TRP B 169 -31.15 3.93 -14.85
CA TRP B 169 -31.97 4.59 -15.88
C TRP B 169 -32.98 3.62 -16.46
N ALA B 170 -32.53 2.41 -16.64
CA ALA B 170 -33.38 1.39 -17.21
C ALA B 170 -34.54 1.05 -16.28
N ILE B 171 -34.34 1.18 -14.97
CA ILE B 171 -35.38 0.90 -13.99
C ILE B 171 -36.44 2.00 -14.05
N TYR B 172 -36.07 3.12 -14.67
CA TYR B 172 -36.98 4.25 -14.77
C TYR B 172 -38.01 4.07 -15.89
N PHE B 173 -37.69 3.27 -16.90
CA PHE B 173 -38.61 3.04 -18.02
C PHE B 173 -39.24 1.66 -18.02
N SER B 174 -39.53 1.12 -16.86
CA SER B 174 -39.99 -0.26 -16.84
C SER B 174 -41.28 -0.38 -16.08
N THR B 175 -42.25 -1.08 -16.65
CA THR B 175 -43.51 -1.26 -15.97
C THR B 175 -43.45 -2.37 -14.92
N SER B 176 -42.73 -3.45 -15.22
CA SER B 176 -42.68 -4.59 -14.32
C SER B 176 -41.76 -4.36 -13.09
N VAL B 177 -41.40 -3.09 -12.86
CA VAL B 177 -40.60 -2.74 -11.70
C VAL B 177 -41.33 -2.97 -10.43
N ASP B 178 -41.06 -4.08 -9.79
CA ASP B 178 -41.70 -4.28 -8.52
C ASP B 178 -40.76 -3.76 -7.45
N LEU B 179 -41.30 -3.08 -6.45
CA LEU B 179 -40.49 -2.57 -5.36
C LEU B 179 -39.82 -3.75 -4.65
N ARG B 180 -40.59 -4.81 -4.34
CA ARG B 180 -40.06 -5.93 -3.56
C ARG B 180 -38.97 -6.62 -4.38
N GLN B 181 -39.22 -6.89 -5.66
CA GLN B 181 -38.23 -7.53 -6.54
C GLN B 181 -36.94 -6.72 -6.75
N LEU B 182 -37.07 -5.40 -6.74
CA LEU B 182 -35.89 -4.56 -6.83
C LEU B 182 -35.10 -4.72 -5.56
N MET B 183 -35.78 -4.73 -4.42
CA MET B 183 -35.02 -4.80 -3.16
C MET B 183 -34.43 -6.20 -2.99
N TYR B 184 -35.12 -7.25 -3.44
CA TYR B 184 -34.58 -8.60 -3.34
C TYR B 184 -33.40 -8.79 -4.29
N TRP B 185 -33.42 -8.11 -5.44
CA TRP B 185 -32.32 -8.27 -6.39
C TRP B 185 -31.12 -7.42 -5.94
N MET B 186 -31.35 -6.28 -5.31
CA MET B 186 -30.21 -5.44 -4.96
C MET B 186 -29.66 -5.66 -3.55
N MET B 187 -30.11 -6.68 -2.83
CA MET B 187 -29.58 -6.93 -1.49
C MET B 187 -29.49 -8.44 -1.32
N GLY B 188 -29.91 -9.13 -2.38
CA GLY B 188 -29.76 -10.56 -2.50
C GLY B 188 -30.88 -11.34 -1.89
N GLY B 189 -31.10 -12.54 -2.40
CA GLY B 189 -32.17 -13.37 -1.92
C GLY B 189 -32.27 -14.64 -2.74
N PHE B 190 -32.61 -15.72 -2.05
CA PHE B 190 -32.74 -17.01 -2.69
C PHE B 190 -34.19 -17.47 -2.61
N GLY B 191 -35.09 -16.52 -2.38
CA GLY B 191 -36.50 -16.80 -2.21
C GLY B 191 -37.04 -17.84 -3.18
N GLY B 192 -37.00 -17.49 -4.47
CA GLY B 192 -37.46 -18.42 -5.48
C GLY B 192 -36.39 -19.31 -6.08
N VAL B 193 -35.70 -20.12 -5.28
CA VAL B 193 -34.66 -20.98 -5.86
C VAL B 193 -34.99 -22.46 -5.77
N ASP B 194 -35.26 -23.07 -6.92
CA ASP B 194 -35.72 -24.45 -7.01
C ASP B 194 -34.61 -25.27 -7.65
N TRP B 195 -34.91 -26.49 -8.08
CA TRP B 195 -33.94 -27.31 -8.81
C TRP B 195 -33.83 -26.77 -10.23
N ARG B 196 -34.74 -25.87 -10.60
CA ARG B 196 -34.71 -25.27 -11.91
C ARG B 196 -33.41 -24.50 -12.07
N GLN B 197 -32.79 -24.17 -10.94
CA GLN B 197 -31.56 -23.38 -10.95
C GLN B 197 -30.30 -24.26 -10.90
N SER B 198 -30.52 -25.55 -11.09
CA SER B 198 -29.46 -26.52 -10.91
C SER B 198 -28.29 -26.27 -11.88
N TRP B 199 -28.60 -25.87 -13.10
CA TRP B 199 -27.54 -25.61 -14.06
C TRP B 199 -26.56 -24.57 -13.55
N LEU B 200 -27.08 -23.50 -12.95
CA LEU B 200 -26.20 -22.47 -12.38
C LEU B 200 -25.32 -23.05 -11.31
N MET B 201 -25.93 -23.83 -10.42
CA MET B 201 -25.19 -24.44 -9.32
C MET B 201 -24.06 -25.26 -9.89
N LEU B 202 -24.29 -25.88 -11.05
CA LEU B 202 -23.22 -26.64 -11.70
C LEU B 202 -22.13 -25.70 -12.25
N ALA B 203 -22.55 -24.64 -12.96
CA ALA B 203 -21.63 -23.69 -13.55
C ALA B 203 -20.67 -23.06 -12.54
N LEU B 204 -20.99 -23.18 -11.26
CA LEU B 204 -20.15 -22.59 -10.23
C LEU B 204 -19.08 -23.54 -9.76
N ILE B 205 -19.44 -24.82 -9.73
CA ILE B 205 -18.59 -25.84 -9.12
C ILE B 205 -17.15 -25.97 -9.67
N PRO B 206 -16.97 -26.12 -11.00
CA PRO B 206 -15.60 -26.35 -11.47
C PRO B 206 -14.68 -25.17 -11.15
N VAL B 207 -15.18 -23.98 -11.38
CA VAL B 207 -14.36 -22.80 -11.17
C VAL B 207 -13.95 -22.67 -9.70
N LEU B 208 -14.90 -22.91 -8.81
CA LEU B 208 -14.66 -23.00 -7.35
C LEU B 208 -13.55 -24.00 -7.01
N LEU B 209 -13.70 -25.22 -7.49
CA LEU B 209 -12.68 -26.24 -7.27
C LEU B 209 -11.34 -25.76 -7.80
N TRP B 210 -11.35 -25.33 -9.07
CA TRP B 210 -10.12 -24.94 -9.73
C TRP B 210 -9.38 -23.81 -9.06
N ILE B 211 -10.11 -22.77 -8.67
CA ILE B 211 -9.51 -21.61 -8.05
C ILE B 211 -9.00 -21.91 -6.64
N SER B 212 -9.61 -22.87 -5.98
CA SER B 212 -9.12 -23.26 -4.69
C SER B 212 -7.80 -24.06 -4.75
N SER B 213 -7.64 -24.89 -5.78
CA SER B 213 -6.39 -25.62 -5.97
C SER B 213 -5.20 -24.68 -6.15
N GLN B 214 -5.50 -23.45 -6.55
CA GLN B 214 -4.47 -22.52 -6.94
C GLN B 214 -3.95 -21.68 -5.80
N SER B 215 -3.24 -22.30 -4.87
CA SER B 215 -2.70 -21.55 -3.72
C SER B 215 -1.29 -21.06 -3.99
N ARG B 216 -0.45 -21.89 -4.60
CA ARG B 216 0.93 -21.51 -4.92
C ARG B 216 1.08 -20.13 -5.54
N PRO B 217 0.47 -19.90 -6.73
CA PRO B 217 0.77 -18.61 -7.35
C PRO B 217 0.31 -17.46 -6.50
N MET B 218 -0.72 -17.64 -5.69
CA MET B 218 -1.15 -16.55 -4.81
C MET B 218 -0.21 -16.33 -3.64
N ASN B 219 0.39 -17.39 -3.14
CA ASN B 219 1.46 -17.23 -2.17
C ASN B 219 2.62 -16.49 -2.78
N MET B 220 2.81 -16.63 -4.08
CA MET B 220 3.86 -15.88 -4.76
C MET B 220 3.48 -14.42 -4.98
N LEU B 221 2.21 -14.16 -5.26
CA LEU B 221 1.78 -12.79 -5.41
C LEU B 221 1.98 -12.04 -4.11
N ALA B 222 1.94 -12.77 -3.00
CA ALA B 222 2.02 -12.20 -1.67
C ALA B 222 3.36 -11.54 -1.40
N LEU B 223 4.37 -11.87 -2.21
CA LEU B 223 5.65 -11.17 -2.12
C LEU B 223 5.62 -10.05 -3.14
N GLY B 224 6.80 -9.58 -3.49
CA GLY B 224 6.90 -8.49 -4.43
C GLY B 224 6.36 -8.88 -5.78
N GLU B 225 5.99 -7.87 -6.56
CA GLU B 225 5.66 -8.07 -7.95
C GLU B 225 6.89 -8.77 -8.56
N ILE B 226 8.08 -8.24 -8.26
CA ILE B 226 9.36 -8.69 -8.83
C ILE B 226 9.88 -10.01 -8.27
N SER B 227 9.84 -10.20 -6.95
CA SER B 227 10.15 -11.51 -6.39
C SER B 227 9.33 -12.59 -7.08
N ALA B 228 8.05 -12.30 -7.29
CA ALA B 228 7.23 -13.28 -7.96
C ALA B 228 7.66 -13.46 -9.42
N ARG B 229 7.78 -12.37 -10.18
CA ARG B 229 8.17 -12.55 -11.58
C ARG B 229 9.48 -13.37 -11.69
N GLN B 230 10.45 -13.11 -10.83
CA GLN B 230 11.74 -13.83 -10.95
C GLN B 230 11.67 -15.31 -10.49
N LEU B 231 10.87 -15.62 -9.47
CA LEU B 231 10.58 -16.98 -9.06
C LEU B 231 9.79 -17.76 -10.13
N GLY B 232 9.36 -17.07 -11.17
CA GLY B 232 8.75 -17.79 -12.28
C GLY B 232 7.25 -17.77 -12.40
N LEU B 233 6.68 -16.63 -12.02
CA LEU B 233 5.26 -16.43 -12.16
C LEU B 233 5.00 -15.58 -13.40
N PRO B 234 3.99 -15.95 -14.18
CA PRO B 234 3.55 -15.09 -15.29
C PRO B 234 2.46 -14.17 -14.84
N LEU B 235 2.85 -13.02 -14.33
CA LEU B 235 1.89 -12.09 -13.81
C LEU B 235 0.84 -11.71 -14.81
N TRP B 236 1.27 -11.26 -15.97
CA TRP B 236 0.32 -10.79 -16.96
C TRP B 236 -0.71 -11.86 -17.30
N PHE B 237 -0.39 -13.10 -16.97
CA PHE B 237 -1.31 -14.19 -17.19
C PHE B 237 -2.22 -14.32 -15.99
N TRP B 238 -1.63 -14.54 -14.82
CA TRP B 238 -2.44 -14.82 -13.63
C TRP B 238 -3.43 -13.74 -13.35
N ARG B 239 -3.02 -12.48 -13.54
CA ARG B 239 -3.91 -11.35 -13.40
C ARG B 239 -5.14 -11.56 -14.30
N ASN B 240 -4.90 -11.90 -15.56
CA ASN B 240 -6.01 -12.10 -16.48
C ASN B 240 -6.88 -13.23 -16.02
N VAL B 241 -6.25 -14.33 -15.64
CA VAL B 241 -7.00 -15.49 -15.18
C VAL B 241 -7.90 -15.16 -14.02
N LEU B 242 -7.32 -14.64 -12.93
CA LEU B 242 -8.05 -14.20 -11.75
C LEU B 242 -9.22 -13.28 -12.05
N VAL B 243 -8.97 -12.22 -12.81
CA VAL B 243 -10.10 -11.37 -13.18
C VAL B 243 -11.18 -12.19 -13.88
N ALA B 244 -10.75 -13.13 -14.73
CA ALA B 244 -11.72 -13.95 -15.47
C ALA B 244 -12.53 -14.83 -14.52
N ALA B 245 -11.85 -15.60 -13.68
CA ALA B 245 -12.50 -16.53 -12.74
C ALA B 245 -13.45 -15.79 -11.82
N THR B 246 -12.92 -14.74 -11.21
CA THR B 246 -13.67 -13.92 -10.28
C THR B 246 -14.91 -13.38 -10.98
N GLY B 247 -14.77 -12.86 -12.19
CA GLY B 247 -15.94 -12.39 -12.92
C GLY B 247 -16.94 -13.50 -13.19
N TRP B 248 -16.45 -14.70 -13.45
CA TRP B 248 -17.36 -15.80 -13.74
C TRP B 248 -18.18 -16.17 -12.51
N MET B 249 -17.50 -16.28 -11.37
CA MET B 249 -18.17 -16.62 -10.12
C MET B 249 -19.14 -15.55 -9.68
N VAL B 250 -18.70 -14.30 -9.71
CA VAL B 250 -19.60 -13.24 -9.31
C VAL B 250 -20.80 -13.22 -10.22
N GLY B 251 -20.57 -13.43 -11.51
CA GLY B 251 -21.63 -13.41 -12.50
C GLY B 251 -22.72 -14.44 -12.26
N VAL B 252 -22.30 -15.70 -12.15
CA VAL B 252 -23.25 -16.74 -11.84
C VAL B 252 -23.93 -16.44 -10.50
N SER B 253 -23.16 -16.01 -9.50
CA SER B 253 -23.76 -15.69 -8.19
C SER B 253 -24.86 -14.68 -8.26
N VAL B 254 -24.68 -13.68 -9.11
CA VAL B 254 -25.68 -12.64 -9.15
C VAL B 254 -26.86 -13.16 -9.92
N ALA B 255 -26.57 -13.91 -10.96
CA ALA B 255 -27.65 -14.46 -11.78
C ALA B 255 -28.49 -15.40 -10.96
N LEU B 256 -27.93 -15.85 -9.85
CA LEU B 256 -28.55 -16.90 -9.08
C LEU B 256 -29.26 -16.34 -7.85
N ALA B 257 -28.70 -15.31 -7.23
CA ALA B 257 -29.25 -14.78 -5.98
C ALA B 257 -29.37 -13.24 -5.88
N GLY B 258 -28.72 -12.53 -6.79
CA GLY B 258 -28.73 -11.08 -6.75
C GLY B 258 -27.47 -10.53 -6.13
N ALA B 259 -27.49 -9.23 -5.85
CA ALA B 259 -26.33 -8.53 -5.33
C ALA B 259 -26.12 -8.87 -3.87
N ILE B 260 -25.02 -9.54 -3.55
CA ILE B 260 -24.74 -9.87 -2.16
C ILE B 260 -23.42 -9.29 -1.72
N GLY B 261 -23.47 -8.48 -0.68
CA GLY B 261 -22.26 -7.83 -0.22
C GLY B 261 -21.78 -8.43 1.08
N PHE B 262 -20.87 -7.73 1.74
CA PHE B 262 -20.37 -8.10 3.05
C PHE B 262 -19.46 -9.35 3.03
N ILE B 263 -20.02 -10.49 2.63
CA ILE B 263 -19.27 -11.75 2.61
C ILE B 263 -17.88 -11.69 1.98
N GLY B 264 -17.81 -11.29 0.71
CA GLY B 264 -16.53 -11.25 0.03
C GLY B 264 -15.75 -10.01 0.41
N LEU B 265 -15.81 -9.63 1.68
CA LEU B 265 -15.14 -8.44 2.16
C LEU B 265 -14.73 -8.69 3.58
N VAL B 266 -15.70 -9.13 4.37
CA VAL B 266 -15.41 -9.40 5.75
C VAL B 266 -14.87 -10.81 5.89
N ILE B 267 -15.52 -11.82 5.29
CA ILE B 267 -15.07 -13.19 5.55
C ILE B 267 -13.56 -13.40 5.27
N PRO B 268 -13.02 -12.70 4.25
CA PRO B 268 -11.59 -13.02 4.23
C PRO B 268 -10.74 -12.19 5.17
N HIS B 269 -11.22 -11.02 5.58
CA HIS B 269 -10.44 -10.22 6.52
C HIS B 269 -10.38 -10.90 7.86
N ILE B 270 -11.55 -11.37 8.31
CA ILE B 270 -11.71 -12.07 9.59
C ILE B 270 -10.79 -13.25 9.67
N LEU B 271 -10.79 -14.05 8.60
CA LEU B 271 -9.94 -15.23 8.54
C LEU B 271 -8.46 -14.86 8.72
N ARG B 272 -8.04 -13.76 8.10
CA ARG B 272 -6.65 -13.32 8.21
C ARG B 272 -6.34 -12.82 9.61
N LEU B 273 -7.29 -12.12 10.25
CA LEU B 273 -7.05 -11.60 11.60
C LEU B 273 -6.88 -12.73 12.62
N SER B 274 -7.38 -13.90 12.28
CA SER B 274 -7.27 -15.06 13.16
C SER B 274 -6.01 -15.83 12.79
N GLY B 275 -5.25 -15.27 11.85
CA GLY B 275 -3.96 -15.82 11.49
C GLY B 275 -3.93 -16.82 10.37
N LEU B 276 -4.82 -16.68 9.40
CA LEU B 276 -4.75 -17.53 8.21
C LEU B 276 -4.09 -16.77 7.08
N THR B 277 -2.76 -16.83 7.02
CA THR B 277 -1.99 -16.09 6.03
C THR B 277 -1.76 -16.91 4.79
N ASP B 278 -1.25 -18.14 4.98
CA ASP B 278 -0.99 -19.02 3.86
C ASP B 278 -2.26 -19.28 3.07
N HIS B 279 -2.14 -19.17 1.76
CA HIS B 279 -3.30 -19.34 0.89
C HIS B 279 -3.71 -20.80 0.83
N ARG B 280 -2.75 -21.68 1.08
CA ARG B 280 -3.03 -23.11 1.11
C ARG B 280 -4.13 -23.42 2.13
N VAL B 281 -4.32 -22.51 3.10
CA VAL B 281 -5.39 -22.67 4.08
C VAL B 281 -6.50 -21.62 3.95
N LEU B 282 -6.16 -20.43 3.43
CA LEU B 282 -7.10 -19.31 3.31
C LEU B 282 -8.10 -19.55 2.19
N LEU B 283 -7.61 -20.07 1.05
CA LEU B 283 -8.56 -20.34 -0.03
C LEU B 283 -9.61 -21.38 0.36
N PRO B 284 -9.21 -22.51 0.96
CA PRO B 284 -10.28 -23.42 1.36
C PRO B 284 -11.03 -22.87 2.58
N GLY B 285 -10.30 -22.25 3.51
CA GLY B 285 -10.90 -21.57 4.64
C GLY B 285 -12.01 -20.61 4.20
N CYS B 286 -11.68 -19.75 3.24
CA CYS B 286 -12.64 -18.77 2.77
C CYS B 286 -13.88 -19.45 2.20
N ALA B 287 -13.70 -20.54 1.47
CA ALA B 287 -14.87 -21.24 0.90
C ALA B 287 -15.79 -21.78 2.00
N LEU B 288 -15.22 -22.49 2.97
CA LEU B 288 -16.07 -23.08 3.99
C LEU B 288 -16.69 -22.02 4.90
N ALA B 289 -15.91 -21.02 5.29
CA ALA B 289 -16.46 -20.00 6.17
C ALA B 289 -17.50 -19.19 5.44
N GLY B 290 -17.15 -18.79 4.21
CA GLY B 290 -18.03 -18.00 3.38
C GLY B 290 -19.35 -18.73 3.20
N ALA B 291 -19.27 -20.03 2.97
CA ALA B 291 -20.49 -20.84 2.83
C ALA B 291 -21.36 -20.83 4.11
N SER B 292 -20.71 -21.01 5.26
CA SER B 292 -21.47 -21.07 6.51
C SER B 292 -22.13 -19.75 6.84
N ALA B 293 -21.39 -18.66 6.75
CA ALA B 293 -21.94 -17.35 7.10
C ALA B 293 -23.16 -17.09 6.23
N LEU B 294 -23.03 -17.28 4.93
CA LEU B 294 -24.16 -17.04 4.06
C LEU B 294 -25.30 -17.99 4.46
N LEU B 295 -24.97 -19.28 4.65
CA LEU B 295 -26.01 -20.26 5.01
C LEU B 295 -26.74 -19.87 6.30
N LEU B 296 -26.01 -19.40 7.31
CA LEU B 296 -26.65 -18.99 8.55
C LEU B 296 -27.58 -17.83 8.29
N ALA B 297 -27.14 -16.86 7.51
CA ALA B 297 -27.99 -15.69 7.28
C ALA B 297 -29.29 -16.06 6.55
N ASP B 298 -29.26 -17.05 5.68
CA ASP B 298 -30.49 -17.43 5.01
C ASP B 298 -31.48 -18.10 6.00
N ILE B 299 -30.91 -18.90 6.91
CA ILE B 299 -31.69 -19.57 7.94
C ILE B 299 -32.34 -18.52 8.83
N VAL B 300 -31.87 -17.28 8.71
CA VAL B 300 -32.32 -16.22 9.57
C VAL B 300 -33.12 -15.21 8.77
N ALA B 301 -33.23 -15.40 7.46
CA ALA B 301 -33.94 -14.35 6.72
C ALA B 301 -35.24 -14.85 6.16
N ARG B 302 -35.44 -16.16 6.25
CA ARG B 302 -36.60 -16.77 5.65
C ARG B 302 -37.60 -17.09 6.74
N LEU B 303 -37.11 -17.31 7.96
CA LEU B 303 -38.00 -17.54 9.09
C LEU B 303 -37.79 -16.50 10.18
N ALA B 304 -37.51 -15.24 9.84
CA ALA B 304 -37.37 -14.19 10.87
C ALA B 304 -38.59 -13.30 10.92
N LEU B 305 -39.32 -13.24 9.82
CA LEU B 305 -40.50 -12.39 9.77
C LEU B 305 -41.64 -13.19 9.20
N ALA B 306 -42.62 -13.49 10.04
CA ALA B 306 -43.80 -14.22 9.60
C ALA B 306 -44.44 -13.56 8.38
N ALA B 307 -44.32 -12.24 8.29
CA ALA B 307 -44.91 -11.45 7.22
C ALA B 307 -44.36 -11.89 5.86
N ALA B 308 -43.06 -11.74 5.65
CA ALA B 308 -42.41 -12.18 4.41
C ALA B 308 -40.94 -12.54 4.63
N GLU B 309 -40.20 -12.56 3.53
CA GLU B 309 -38.80 -12.95 3.58
C GLU B 309 -37.90 -11.75 3.52
N LEU B 310 -37.04 -11.57 4.51
CA LEU B 310 -36.14 -10.42 4.48
C LEU B 310 -35.07 -10.67 3.45
N PRO B 311 -34.36 -9.61 3.04
CA PRO B 311 -33.26 -9.85 2.12
C PRO B 311 -31.94 -10.07 2.82
N ILE B 312 -31.06 -10.87 2.26
CA ILE B 312 -29.83 -11.23 2.93
C ILE B 312 -28.99 -10.00 3.30
N GLY B 313 -28.93 -9.00 2.41
CA GLY B 313 -28.14 -7.81 2.70
C GLY B 313 -28.46 -7.11 4.01
N VAL B 314 -29.53 -7.54 4.68
CA VAL B 314 -29.91 -6.99 5.98
C VAL B 314 -29.29 -7.84 7.03
N VAL B 315 -29.80 -9.06 7.18
CA VAL B 315 -29.34 -9.93 8.23
C VAL B 315 -27.82 -10.14 8.21
N THR B 316 -27.24 -10.19 7.02
CA THR B 316 -25.78 -10.33 6.83
C THR B 316 -25.03 -9.28 7.61
N ALA B 317 -25.32 -8.02 7.29
CA ALA B 317 -24.58 -6.94 7.93
C ALA B 317 -25.01 -6.75 9.37
N THR B 318 -26.31 -6.98 9.60
CA THR B 318 -26.92 -6.88 10.92
C THR B 318 -26.24 -7.77 11.95
N LEU B 319 -25.87 -8.98 11.55
CA LEU B 319 -25.21 -9.83 12.53
C LEU B 319 -23.73 -9.78 12.37
N GLY B 320 -23.27 -9.67 11.14
CA GLY B 320 -21.85 -9.74 10.86
C GLY B 320 -21.04 -8.59 11.42
N ALA B 321 -21.38 -7.37 11.07
CA ALA B 321 -20.64 -6.21 11.57
C ALA B 321 -20.52 -6.14 13.14
N PRO B 322 -21.64 -6.32 13.92
CA PRO B 322 -21.52 -6.33 15.39
C PRO B 322 -20.45 -7.31 15.88
N VAL B 323 -20.58 -8.54 15.42
CA VAL B 323 -19.58 -9.58 15.66
C VAL B 323 -18.21 -9.19 15.12
N PHE B 324 -18.19 -8.54 13.95
CA PHE B 324 -16.93 -8.10 13.35
C PHE B 324 -16.19 -7.10 14.25
N ILE B 325 -16.87 -6.02 14.67
CA ILE B 325 -16.27 -5.07 15.62
C ILE B 325 -15.79 -5.75 16.90
N TRP B 326 -16.49 -6.77 17.30
CA TRP B 326 -16.19 -7.46 18.54
C TRP B 326 -14.83 -8.16 18.43
N LEU B 327 -14.38 -8.44 17.20
CA LEU B 327 -13.08 -9.09 16.95
C LEU B 327 -11.91 -8.12 16.73
N LEU B 328 -12.21 -6.91 16.27
CA LEU B 328 -11.15 -5.92 16.13
C LEU B 328 -11.02 -5.11 17.43
N LEU B 329 -12.14 -4.92 18.13
CA LEU B 329 -12.20 -4.15 19.39
C LEU B 329 -11.08 -4.57 20.34
N LYS B 330 -10.95 -5.88 20.55
CA LYS B 330 -9.94 -6.41 21.44
C LYS B 330 -9.03 -7.38 20.68
N ALA B 331 -9.59 -8.53 20.29
CA ALA B 331 -8.85 -9.58 19.57
C ALA B 331 -8.21 -9.06 18.27
N SER C 2 29.80 20.01 27.85
CA SER C 2 29.64 19.92 26.40
C SER C 2 28.86 18.68 25.96
N ILE C 3 28.51 17.82 26.92
CA ILE C 3 27.65 16.68 26.65
C ILE C 3 26.25 17.07 26.11
N VAL C 4 25.94 16.56 24.93
CA VAL C 4 24.70 16.84 24.21
C VAL C 4 23.66 15.76 24.43
N MET C 5 24.09 14.51 24.47
CA MET C 5 23.17 13.41 24.72
C MET C 5 23.68 12.58 25.89
N GLN C 6 22.79 11.99 26.68
CA GLN C 6 23.20 11.15 27.81
C GLN C 6 22.21 10.00 28.09
N LEU C 7 22.67 8.78 27.91
CA LEU C 7 21.79 7.63 28.07
C LEU C 7 22.07 6.88 29.39
N GLN C 8 21.01 6.53 30.10
CA GLN C 8 21.16 5.66 31.27
C GLN C 8 20.14 4.52 31.33
N ASP C 9 20.66 3.31 31.41
CA ASP C 9 19.89 2.06 31.58
C ASP C 9 18.80 1.85 30.51
N VAL C 10 19.10 2.30 29.30
CA VAL C 10 18.21 2.17 28.16
C VAL C 10 18.02 0.72 27.77
N ALA C 11 16.78 0.23 27.77
CA ALA C 11 16.51 -1.16 27.42
C ALA C 11 15.25 -1.32 26.56
N GLU C 12 15.12 -2.48 25.95
CA GLU C 12 14.00 -2.78 25.07
C GLU C 12 13.89 -4.28 24.81
N SER C 13 13.01 -4.97 25.53
CA SER C 13 12.79 -6.40 25.34
C SER C 13 14.09 -7.20 25.38
N THR C 14 14.12 -8.31 24.64
CA THR C 14 15.32 -9.13 24.54
C THR C 14 16.07 -8.79 23.25
N ARG C 15 15.86 -7.58 22.75
CA ARG C 15 16.56 -7.20 21.53
C ARG C 15 17.49 -6.02 21.79
N LEU C 16 17.48 -5.50 23.01
CA LEU C 16 18.40 -4.40 23.37
C LEU C 16 18.55 -4.34 24.89
N GLY C 17 19.61 -4.97 25.41
CA GLY C 17 19.87 -4.94 26.85
C GLY C 17 20.09 -3.53 27.36
N PRO C 18 20.38 -3.39 28.67
CA PRO C 18 20.49 -2.07 29.30
C PRO C 18 21.87 -1.41 29.19
N LEU C 19 21.88 -0.22 28.60
CA LEU C 19 23.12 0.50 28.34
C LEU C 19 23.14 1.85 28.99
N SER C 20 24.32 2.46 29.04
CA SER C 20 24.49 3.80 29.59
C SER C 20 25.76 4.41 29.04
N GLY C 21 25.59 5.47 28.25
CA GLY C 21 26.74 6.18 27.69
C GLY C 21 26.55 7.68 27.52
N GLU C 22 27.43 8.34 26.77
CA GLU C 22 27.31 9.79 26.55
C GLU C 22 27.83 10.19 25.19
N VAL C 23 27.24 11.26 24.63
CA VAL C 23 27.58 11.75 23.29
C VAL C 23 28.09 13.18 23.37
N ARG C 24 29.34 13.38 22.95
CA ARG C 24 30.03 14.66 23.08
C ARG C 24 29.69 15.61 21.94
N ALA C 25 29.98 16.88 22.15
CA ALA C 25 29.47 17.97 21.33
C ALA C 25 30.01 18.07 19.90
N GLY C 26 31.32 17.99 19.72
CA GLY C 26 31.87 18.07 18.39
C GLY C 26 32.47 16.77 17.89
N GLU C 27 31.88 15.63 18.25
CA GLU C 27 32.52 14.35 17.99
C GLU C 27 31.69 13.37 17.16
N ILE C 28 32.36 12.60 16.30
CA ILE C 28 31.71 11.54 15.54
C ILE C 28 31.76 10.21 16.24
N LEU C 29 30.61 9.72 16.66
CA LEU C 29 30.54 8.43 17.34
C LEU C 29 30.08 7.31 16.43
N HIS C 30 30.80 6.19 16.35
CA HIS C 30 30.32 5.05 15.54
C HIS C 30 29.74 3.86 16.33
N LEU C 31 28.60 3.35 15.89
CA LEU C 31 28.00 2.17 16.48
C LEU C 31 28.43 0.93 15.70
N VAL C 32 29.32 0.15 16.26
CA VAL C 32 29.75 -1.04 15.53
C VAL C 32 29.32 -2.33 16.21
N GLY C 33 29.12 -3.37 15.42
CA GLY C 33 28.68 -4.65 15.94
C GLY C 33 27.91 -5.45 14.91
N PRO C 34 27.79 -6.76 15.13
CA PRO C 34 27.17 -7.71 14.19
C PRO C 34 25.69 -7.47 13.97
N ASN C 35 25.09 -8.20 13.03
CA ASN C 35 23.64 -8.23 12.84
C ASN C 35 23.01 -8.72 14.14
N GLY C 36 22.04 -8.01 14.68
CA GLY C 36 21.46 -8.46 15.92
C GLY C 36 22.11 -7.83 17.14
N ALA C 37 23.07 -6.94 16.91
CA ALA C 37 23.64 -6.20 18.02
C ALA C 37 22.62 -5.21 18.56
N GLY C 38 21.73 -4.73 17.70
CA GLY C 38 20.72 -3.78 18.09
C GLY C 38 21.13 -2.32 17.95
N LYS C 39 21.91 -2.02 16.91
CA LYS C 39 22.31 -0.65 16.61
C LYS C 39 21.09 0.16 16.17
N SER C 40 20.33 -0.39 15.22
CA SER C 40 19.19 0.32 14.64
C SER C 40 18.17 0.64 15.73
N THR C 41 18.01 -0.27 16.69
CA THR C 41 17.05 -0.09 17.80
C THR C 41 17.44 1.04 18.73
N LEU C 42 18.70 0.99 19.12
CA LEU C 42 19.28 2.01 19.97
C LEU C 42 19.22 3.37 19.30
N LEU C 43 19.63 3.43 18.04
CA LEU C 43 19.61 4.67 17.27
C LEU C 43 18.20 5.26 17.19
N ALA C 44 17.22 4.41 16.86
CA ALA C 44 15.82 4.81 16.84
C ALA C 44 15.42 5.40 18.19
N ARG C 45 15.76 4.71 19.28
CA ARG C 45 15.44 5.23 20.62
C ARG C 45 16.03 6.61 20.86
N MET C 46 17.30 6.74 20.50
CA MET C 46 18.01 7.99 20.64
C MET C 46 17.35 9.11 19.87
N ALA C 47 16.73 8.75 18.75
CA ALA C 47 16.07 9.73 17.91
C ALA C 47 14.71 10.18 18.45
N GLY C 48 14.22 9.49 19.48
CA GLY C 48 12.92 9.84 20.04
C GLY C 48 11.77 9.20 19.30
N MET C 49 12.09 8.34 18.33
CA MET C 49 11.08 7.64 17.53
C MET C 49 10.38 6.57 18.34
N THR C 50 10.98 6.20 19.46
CA THR C 50 10.46 5.12 20.30
C THR C 50 10.52 5.50 21.75
N SER C 51 9.59 5.00 22.55
CA SER C 51 9.68 5.12 24.01
C SER C 51 9.92 3.73 24.62
N GLY C 52 10.33 3.70 25.88
CA GLY C 52 10.50 2.43 26.57
C GLY C 52 11.35 2.50 27.83
N LYS C 53 11.83 1.34 28.27
CA LYS C 53 12.66 1.23 29.47
C LYS C 53 13.84 2.19 29.49
N GLY C 54 14.22 2.63 30.68
CA GLY C 54 15.35 3.55 30.79
C GLY C 54 14.94 4.97 30.48
N SER C 55 15.88 5.89 30.64
CA SER C 55 15.64 7.29 30.32
C SER C 55 16.89 7.94 29.73
N ILE C 56 16.68 8.82 28.75
CA ILE C 56 17.81 9.53 28.15
C ILE C 56 17.56 11.03 28.04
N GLN C 57 18.62 11.80 28.26
CA GLN C 57 18.51 13.25 28.23
C GLN C 57 19.25 13.90 27.07
N PHE C 58 18.59 14.85 26.42
CA PHE C 58 19.13 15.54 25.26
C PHE C 58 19.03 17.06 25.46
N ALA C 59 20.16 17.77 25.40
CA ALA C 59 20.21 19.22 25.58
C ALA C 59 19.56 19.66 26.91
N GLY C 60 20.02 19.00 27.99
CA GLY C 60 19.56 19.26 29.35
C GLY C 60 18.13 18.89 29.70
N GLN C 61 17.45 18.22 28.79
CA GLN C 61 16.07 17.83 29.00
C GLN C 61 15.83 16.36 28.58
N PRO C 62 14.82 15.69 29.17
CA PRO C 62 14.68 14.32 28.67
C PRO C 62 13.75 14.22 27.48
N LEU C 63 14.02 13.26 26.58
CA LEU C 63 13.28 13.08 25.32
C LEU C 63 11.75 13.05 25.49
N GLU C 64 11.28 12.24 26.44
CA GLU C 64 9.87 12.16 26.81
C GLU C 64 9.32 13.51 27.32
N ALA C 65 9.77 14.61 26.73
CA ALA C 65 9.38 15.94 27.18
C ALA C 65 9.63 16.97 26.09
N TRP C 66 9.94 16.48 24.91
CA TRP C 66 10.22 17.36 23.78
C TRP C 66 9.03 17.37 22.82
N SER C 67 8.78 18.52 22.21
CA SER C 67 7.69 18.56 21.26
C SER C 67 8.20 17.95 19.97
N ALA C 68 7.32 17.24 19.28
CA ALA C 68 7.67 16.62 18.00
C ALA C 68 8.31 17.64 17.04
N THR C 69 8.00 18.92 17.23
CA THR C 69 8.47 19.97 16.34
C THR C 69 9.79 20.58 16.79
N LYS C 70 9.91 20.80 18.09
CA LYS C 70 11.16 21.34 18.65
C LYS C 70 12.28 20.32 18.47
N LEU C 71 11.99 19.03 18.68
CA LEU C 71 13.00 17.99 18.53
C LEU C 71 13.61 17.98 17.14
N ALA C 72 12.78 18.16 16.12
CA ALA C 72 13.28 18.16 14.75
C ALA C 72 14.08 19.40 14.41
N LEU C 73 14.36 20.23 15.41
CA LEU C 73 15.15 21.42 15.17
C LEU C 73 16.57 21.20 15.67
N HIS C 74 16.69 20.40 16.72
CA HIS C 74 17.96 20.12 17.36
C HIS C 74 18.49 18.71 17.08
N ARG C 75 17.75 17.97 16.29
CA ARG C 75 18.02 16.56 16.03
C ARG C 75 17.53 16.21 14.64
N ALA C 76 18.35 15.50 13.86
CA ALA C 76 17.93 14.94 12.57
C ALA C 76 18.26 13.43 12.53
N TYR C 77 17.29 12.60 12.13
CA TYR C 77 17.44 11.15 12.17
C TYR C 77 17.23 10.50 10.80
N LEU C 78 18.04 9.49 10.50
CA LEU C 78 17.94 8.79 9.21
C LEU C 78 17.75 7.28 9.36
N SER C 79 16.51 6.82 9.21
CA SER C 79 16.17 5.41 9.34
C SER C 79 17.00 4.59 8.36
N GLN C 80 17.15 3.31 8.68
CA GLN C 80 18.06 2.44 7.94
C GLN C 80 17.64 2.26 6.48
N GLN C 81 16.37 1.93 6.24
CA GLN C 81 15.84 1.79 4.88
C GLN C 81 14.52 2.57 4.78
N GLN C 82 14.35 3.29 3.68
CA GLN C 82 13.15 4.11 3.45
C GLN C 82 12.74 4.16 1.99
N THR C 83 11.45 4.01 1.73
CA THR C 83 10.99 3.99 0.36
C THR C 83 10.71 5.41 -0.08
N PRO C 84 11.19 5.79 -1.27
CA PRO C 84 10.95 7.11 -1.88
C PRO C 84 9.48 7.36 -2.21
N PRO C 85 8.98 8.59 -1.98
CA PRO C 85 7.62 9.02 -2.35
C PRO C 85 7.40 9.08 -3.87
N PHE C 86 6.15 8.99 -4.32
CA PHE C 86 5.88 8.95 -5.76
C PHE C 86 5.83 10.37 -6.34
N ALA C 87 6.43 10.52 -7.52
CA ALA C 87 6.38 11.76 -8.30
C ALA C 87 6.67 12.99 -7.47
N THR C 88 7.63 12.85 -6.57
CA THR C 88 8.09 13.95 -5.74
C THR C 88 9.48 14.37 -6.17
N PRO C 89 9.56 15.52 -6.85
CA PRO C 89 10.84 16.00 -7.37
C PRO C 89 11.87 16.23 -6.26
N VAL C 90 13.13 15.97 -6.58
CA VAL C 90 14.20 16.08 -5.59
C VAL C 90 14.19 17.42 -4.86
N TRP C 91 14.22 18.53 -5.61
CA TRP C 91 14.23 19.87 -5.04
C TRP C 91 13.15 20.07 -3.98
N HIS C 92 12.00 19.43 -4.19
CA HIS C 92 10.86 19.57 -3.31
C HIS C 92 11.13 18.76 -2.06
N TYR C 93 11.62 17.55 -2.24
CA TYR C 93 11.92 16.71 -1.10
C TYR C 93 12.94 17.39 -0.20
N LEU C 94 13.94 17.99 -0.84
CA LEU C 94 14.99 18.65 -0.09
C LEU C 94 14.40 19.87 0.63
N THR C 95 13.84 20.82 -0.12
CA THR C 95 13.30 22.03 0.50
C THR C 95 12.24 21.79 1.57
N LEU C 96 11.76 20.55 1.65
CA LEU C 96 10.76 20.19 2.63
C LEU C 96 11.43 19.94 3.99
N HIS C 97 12.76 19.84 3.98
CA HIS C 97 13.46 19.49 5.19
C HIS C 97 14.09 20.73 5.78
N GLN C 98 14.16 21.79 4.98
CA GLN C 98 14.73 23.04 5.43
C GLN C 98 13.79 23.75 6.38
N HIS C 99 14.35 24.29 7.45
CA HIS C 99 13.58 25.08 8.39
C HIS C 99 13.44 26.49 7.84
N ASP C 100 14.50 26.91 7.14
CA ASP C 100 14.61 28.21 6.52
C ASP C 100 14.62 28.09 5.00
N LYS C 101 13.44 28.05 4.39
CA LYS C 101 13.34 27.91 2.93
C LYS C 101 13.99 29.06 2.16
N THR C 102 14.35 30.13 2.88
CA THR C 102 14.97 31.32 2.30
C THR C 102 16.33 31.03 1.68
N ARG C 103 17.03 30.08 2.27
CA ARG C 103 18.40 29.81 1.88
C ARG C 103 18.48 28.74 0.79
N THR C 104 18.64 29.23 -0.42
CA THR C 104 18.69 28.41 -1.63
C THR C 104 20.13 28.09 -2.04
N GLU C 105 21.06 28.99 -1.67
CA GLU C 105 22.48 28.80 -1.94
C GLU C 105 22.93 27.53 -1.24
N LEU C 106 22.37 27.35 -0.04
CA LEU C 106 22.72 26.25 0.83
C LEU C 106 22.30 24.96 0.25
N LEU C 107 21.13 24.98 -0.36
CA LEU C 107 20.56 23.79 -0.94
C LEU C 107 21.42 23.40 -2.13
N ASN C 108 21.93 24.39 -2.85
CA ASN C 108 22.81 24.06 -3.98
C ASN C 108 24.17 23.56 -3.56
N ASP C 109 24.72 24.16 -2.52
CA ASP C 109 26.02 23.71 -2.01
C ASP C 109 25.95 22.32 -1.44
N VAL C 110 24.99 22.10 -0.54
CA VAL C 110 24.81 20.81 0.07
C VAL C 110 24.39 19.73 -0.90
N ALA C 111 23.54 20.05 -1.89
CA ALA C 111 23.13 19.01 -2.83
C ALA C 111 24.24 18.78 -3.82
N GLY C 112 25.01 19.83 -4.05
CA GLY C 112 26.10 19.79 -4.99
C GLY C 112 27.25 18.94 -4.52
N ALA C 113 27.48 18.97 -3.21
CA ALA C 113 28.53 18.17 -2.60
C ALA C 113 28.31 16.70 -2.82
N LEU C 114 27.05 16.26 -2.73
CA LEU C 114 26.69 14.88 -2.98
C LEU C 114 26.35 14.61 -4.47
N ALA C 115 26.71 15.55 -5.35
CA ALA C 115 26.47 15.45 -6.80
C ALA C 115 25.00 15.28 -7.19
N LEU C 116 24.17 16.22 -6.71
CA LEU C 116 22.74 16.23 -6.98
C LEU C 116 22.34 17.48 -7.77
N ASP C 117 23.34 18.19 -8.29
CA ASP C 117 23.14 19.41 -9.07
C ASP C 117 22.16 19.19 -10.20
N ASP C 118 22.53 18.24 -11.05
CA ASP C 118 21.84 17.95 -12.28
C ASP C 118 20.58 17.16 -12.05
N LYS C 119 20.37 16.68 -10.83
CA LYS C 119 19.26 15.76 -10.57
C LYS C 119 18.13 16.40 -9.76
N LEU C 120 18.28 17.68 -9.42
CA LEU C 120 17.28 18.43 -8.66
C LEU C 120 15.86 18.33 -9.25
N GLY C 121 15.78 18.18 -10.56
CA GLY C 121 14.50 18.14 -11.24
C GLY C 121 13.89 16.76 -11.45
N ARG C 122 14.54 15.70 -10.98
CA ARG C 122 14.01 14.34 -11.15
C ARG C 122 13.12 13.85 -10.01
N SER C 123 12.18 12.96 -10.32
CA SER C 123 11.37 12.37 -9.27
C SER C 123 12.19 11.39 -8.46
N THR C 124 11.91 11.31 -7.17
CA THR C 124 12.76 10.52 -6.29
C THR C 124 12.62 9.01 -6.44
N ASN C 125 11.47 8.55 -6.92
CA ASN C 125 11.30 7.13 -7.19
C ASN C 125 11.94 6.71 -8.51
N GLN C 126 12.70 7.61 -9.11
CA GLN C 126 13.31 7.38 -10.40
C GLN C 126 14.82 7.62 -10.36
N LEU C 127 15.45 7.09 -9.32
CA LEU C 127 16.88 7.19 -9.11
C LEU C 127 17.57 5.84 -8.90
N SER C 128 18.89 5.83 -8.97
CA SER C 128 19.68 4.71 -8.54
C SER C 128 19.52 4.56 -7.02
N GLY C 129 19.98 3.45 -6.47
CA GLY C 129 19.87 3.26 -5.03
C GLY C 129 20.70 4.26 -4.30
N GLY C 130 21.97 4.35 -4.72
CA GLY C 130 22.90 5.27 -4.12
C GLY C 130 22.40 6.70 -4.25
N GLU C 131 21.94 7.05 -5.45
CA GLU C 131 21.45 8.41 -5.70
C GLU C 131 20.37 8.82 -4.71
N TRP C 132 19.35 7.98 -4.55
CA TRP C 132 18.35 8.19 -3.52
C TRP C 132 19.00 8.33 -2.16
N GLN C 133 19.95 7.44 -1.85
CA GLN C 133 20.55 7.49 -0.53
C GLN C 133 21.20 8.86 -0.25
N ARG C 134 21.83 9.39 -1.29
CA ARG C 134 22.43 10.71 -1.21
C ARG C 134 21.36 11.76 -1.06
N VAL C 135 20.25 11.63 -1.77
CA VAL C 135 19.15 12.57 -1.59
C VAL C 135 18.71 12.57 -0.10
N ARG C 136 18.58 11.38 0.52
CA ARG C 136 18.18 11.33 1.93
C ARG C 136 19.18 12.04 2.84
N LEU C 137 20.44 11.75 2.59
CA LEU C 137 21.56 12.30 3.34
C LEU C 137 21.63 13.82 3.23
N ALA C 138 21.28 14.30 2.05
CA ALA C 138 21.30 15.71 1.76
C ALA C 138 20.17 16.39 2.53
N ALA C 139 18.98 15.83 2.48
CA ALA C 139 17.88 16.44 3.24
C ALA C 139 18.21 16.51 4.72
N VAL C 140 18.71 15.41 5.29
CA VAL C 140 18.93 15.39 6.73
C VAL C 140 20.03 16.42 7.10
N VAL C 141 21.08 16.53 6.27
CA VAL C 141 22.07 17.59 6.50
C VAL C 141 21.45 18.98 6.47
N LEU C 142 20.67 19.28 5.42
CA LEU C 142 19.94 20.54 5.33
C LEU C 142 19.06 20.81 6.53
N GLN C 143 18.50 19.75 7.11
CA GLN C 143 17.65 19.94 8.26
C GLN C 143 18.47 20.33 9.48
N ILE C 144 19.75 19.95 9.50
CA ILE C 144 20.51 20.26 10.70
C ILE C 144 21.76 21.11 10.46
N THR C 145 21.86 21.71 9.27
CA THR C 145 23.02 22.50 8.84
C THR C 145 23.21 23.74 9.72
N PRO C 146 24.33 23.78 10.48
CA PRO C 146 24.74 24.90 11.34
C PRO C 146 24.92 26.22 10.60
N GLN C 147 25.05 26.15 9.28
CA GLN C 147 25.13 27.33 8.43
C GLN C 147 23.74 27.96 8.19
N ALA C 148 22.67 27.32 8.71
CA ALA C 148 21.30 27.87 8.61
C ALA C 148 20.39 27.50 9.78
N ASN C 149 21.00 26.96 10.82
CA ASN C 149 20.25 26.53 11.97
C ASN C 149 21.13 26.55 13.18
N PRO C 150 20.81 27.47 14.08
CA PRO C 150 21.66 27.61 15.26
C PRO C 150 21.14 26.73 16.39
N ALA C 151 20.11 25.94 16.09
CA ALA C 151 19.53 25.05 17.08
C ALA C 151 20.02 23.64 16.87
N GLY C 152 20.59 23.38 15.70
CA GLY C 152 21.05 22.06 15.33
C GLY C 152 22.22 21.55 16.16
N GLN C 153 22.08 20.34 16.69
CA GLN C 153 23.08 19.76 17.58
C GLN C 153 23.42 18.30 17.29
N LEU C 154 22.52 17.40 17.63
CA LEU C 154 22.69 15.98 17.34
C LEU C 154 22.37 15.66 15.89
N LEU C 155 22.84 14.51 15.43
CA LEU C 155 22.55 14.06 14.07
C LEU C 155 22.75 12.55 13.98
N LEU C 156 21.68 11.77 14.10
CA LEU C 156 21.82 10.32 14.04
C LEU C 156 21.74 9.74 12.63
N LEU C 157 22.45 8.64 12.37
CA LEU C 157 22.50 8.11 11.02
C LEU C 157 22.59 6.61 11.00
N ASP C 158 21.63 5.94 10.38
CA ASP C 158 21.66 4.48 10.41
C ASP C 158 22.29 3.88 9.17
N GLN C 159 23.60 3.62 9.21
CA GLN C 159 24.27 2.98 8.09
C GLN C 159 24.03 3.77 6.84
N PRO C 160 24.62 4.96 6.79
CA PRO C 160 24.21 5.86 5.72
C PRO C 160 25.18 5.82 4.59
N MET C 161 25.96 4.76 4.52
CA MET C 161 27.16 4.77 3.73
C MET C 161 27.01 3.65 2.75
N CYS C 162 26.04 2.80 3.02
CA CYS C 162 25.79 1.65 2.17
C CYS C 162 25.10 2.10 0.88
N SER C 163 25.53 1.50 -0.25
CA SER C 163 25.05 1.79 -1.61
C SER C 163 25.62 3.09 -2.18
N LEU C 164 26.51 3.73 -1.42
CA LEU C 164 27.20 4.92 -1.88
C LEU C 164 28.51 4.48 -2.54
N ASP C 165 28.85 4.98 -3.73
CA ASP C 165 30.14 4.59 -4.37
C ASP C 165 31.29 5.21 -3.56
N VAL C 166 32.50 4.73 -3.82
CA VAL C 166 33.70 5.18 -3.12
C VAL C 166 33.84 6.69 -3.06
N ALA C 167 33.64 7.34 -4.20
CA ALA C 167 33.76 8.78 -4.32
C ALA C 167 32.74 9.44 -3.41
N GLN C 168 31.47 9.08 -3.58
CA GLN C 168 30.43 9.62 -2.75
C GLN C 168 30.70 9.38 -1.26
N GLN C 169 31.19 8.19 -0.92
CA GLN C 169 31.54 7.86 0.47
C GLN C 169 32.49 8.91 0.96
N SER C 170 33.55 9.15 0.19
CA SER C 170 34.54 10.19 0.48
C SER C 170 33.91 11.58 0.66
N ALA C 171 32.96 11.94 -0.23
CA ALA C 171 32.29 13.24 -0.16
C ALA C 171 31.50 13.45 1.15
N LEU C 172 30.67 12.46 1.48
CA LEU C 172 29.96 12.45 2.76
C LEU C 172 30.94 12.51 3.93
N ASP C 173 32.07 11.84 3.80
CA ASP C 173 33.06 11.94 4.86
C ASP C 173 33.50 13.36 5.08
N LYS C 174 33.82 14.08 4.00
CA LYS C 174 34.20 15.49 4.11
C LYS C 174 33.11 16.32 4.79
N ILE C 175 31.87 16.13 4.38
CA ILE C 175 30.74 16.86 4.92
C ILE C 175 30.57 16.65 6.43
N LEU C 176 30.48 15.37 6.86
CA LEU C 176 30.37 15.03 8.26
C LEU C 176 31.56 15.54 9.07
N SER C 177 32.74 15.47 8.49
CA SER C 177 33.88 16.05 9.17
C SER C 177 33.61 17.55 9.39
N ALA C 178 33.10 18.22 8.35
CA ALA C 178 32.85 19.66 8.42
C ALA C 178 31.83 19.99 9.51
N LEU C 179 30.72 19.25 9.52
CA LEU C 179 29.70 19.45 10.55
C LEU C 179 30.30 19.23 11.93
N SER C 180 31.15 18.22 12.10
CA SER C 180 31.69 17.87 13.41
C SER C 180 32.60 18.96 13.94
N GLN C 181 33.32 19.56 13.02
CA GLN C 181 34.25 20.64 13.34
C GLN C 181 33.48 21.92 13.73
N GLN C 182 32.30 22.11 13.16
CA GLN C 182 31.43 23.26 13.49
C GLN C 182 30.57 23.03 14.73
N GLY C 183 30.91 22.00 15.49
CA GLY C 183 30.31 21.78 16.79
C GLY C 183 29.02 21.02 16.71
N LEU C 184 29.05 19.86 16.07
CA LEU C 184 27.83 19.11 15.83
C LEU C 184 28.07 17.63 16.07
N ALA C 185 27.35 17.04 17.03
CA ALA C 185 27.51 15.62 17.32
C ALA C 185 27.00 14.81 16.15
N ILE C 186 27.62 13.67 15.91
CA ILE C 186 27.19 12.80 14.82
C ILE C 186 27.31 11.37 15.24
N VAL C 187 26.20 10.65 15.25
CA VAL C 187 26.25 9.25 15.66
C VAL C 187 25.77 8.37 14.54
N MET C 188 26.54 7.34 14.20
CA MET C 188 26.10 6.46 13.12
C MET C 188 26.68 5.05 13.21
N SER C 189 25.90 4.10 12.67
CA SER C 189 26.33 2.70 12.54
C SER C 189 27.22 2.54 11.31
N SER C 190 28.12 1.60 11.42
CA SER C 190 29.09 1.35 10.38
C SER C 190 29.49 -0.07 10.47
N HIS C 191 29.44 -0.76 9.35
CA HIS C 191 29.90 -2.12 9.30
C HIS C 191 31.31 -2.25 8.75
N ASP C 192 31.89 -1.11 8.32
CA ASP C 192 33.26 -1.03 7.79
C ASP C 192 34.29 -0.60 8.86
N LEU C 193 34.86 -1.60 9.53
CA LEU C 193 35.84 -1.45 10.60
C LEU C 193 36.98 -0.47 10.23
N ASN C 194 37.55 -0.64 9.03
CA ASN C 194 38.63 0.23 8.54
C ASN C 194 38.17 1.67 8.47
N HIS C 195 36.94 1.87 8.01
CA HIS C 195 36.37 3.21 7.93
C HIS C 195 36.25 3.84 9.30
N THR C 196 35.70 3.07 10.24
CA THR C 196 35.54 3.55 11.60
C THR C 196 36.90 3.94 12.18
N LEU C 197 37.88 3.05 11.97
CA LEU C 197 39.23 3.25 12.45
C LEU C 197 39.82 4.52 11.88
N ARG C 198 39.39 4.90 10.69
CA ARG C 198 40.00 6.05 10.04
C ARG C 198 39.29 7.35 10.37
N HIS C 199 37.96 7.34 10.45
CA HIS C 199 37.18 8.56 10.62
C HIS C 199 36.39 8.79 11.93
N ALA C 200 36.17 7.73 12.72
CA ALA C 200 35.37 7.84 13.92
C ALA C 200 36.23 8.36 15.08
N HIS C 201 35.68 9.23 15.92
CA HIS C 201 36.37 9.70 17.14
C HIS C 201 36.23 8.64 18.23
N ARG C 202 34.99 8.34 18.57
CA ARG C 202 34.75 7.32 19.57
C ARG C 202 33.89 6.21 18.95
N ALA C 203 34.03 4.98 19.43
CA ALA C 203 33.14 3.91 19.01
C ALA C 203 32.48 3.26 20.21
N TRP C 204 31.36 2.60 19.92
CA TRP C 204 30.55 1.80 20.83
C TRP C 204 30.36 0.41 20.21
N LEU C 205 31.17 -0.54 20.64
CA LEU C 205 31.06 -1.93 20.24
C LEU C 205 29.90 -2.62 20.95
N LEU C 206 29.00 -3.25 20.20
CA LEU C 206 27.83 -3.92 20.79
C LEU C 206 27.69 -5.38 20.36
N LYS C 207 27.02 -6.18 21.20
CA LYS C 207 26.76 -7.58 20.85
C LYS C 207 25.59 -8.13 21.65
N GLY C 208 24.63 -8.72 20.94
CA GLY C 208 23.47 -9.31 21.58
C GLY C 208 22.69 -8.31 22.42
N GLY C 209 22.84 -7.04 22.12
CA GLY C 209 22.11 -6.01 22.82
C GLY C 209 22.97 -5.28 23.83
N LYS C 210 24.03 -5.92 24.32
CA LYS C 210 24.87 -5.28 25.34
C LYS C 210 26.07 -4.58 24.79
N MET C 211 26.65 -3.72 25.62
CA MET C 211 27.83 -2.96 25.24
C MET C 211 29.10 -3.64 25.74
N LEU C 212 29.99 -3.97 24.79
CA LEU C 212 31.25 -4.66 25.08
C LEU C 212 32.34 -3.68 25.44
N ALA C 213 32.49 -2.66 24.60
CA ALA C 213 33.53 -1.66 24.79
C ALA C 213 33.07 -0.32 24.24
N SER C 214 33.59 0.75 24.85
CA SER C 214 33.23 2.09 24.44
C SER C 214 34.41 3.00 24.67
N GLY C 215 34.72 3.86 23.70
CA GLY C 215 35.78 4.82 23.92
C GLY C 215 36.43 5.26 22.66
N ARG C 216 37.75 5.46 22.71
CA ARG C 216 38.49 5.90 21.54
C ARG C 216 38.46 4.78 20.52
N ARG C 217 38.37 5.16 19.25
CA ARG C 217 38.26 4.18 18.18
C ARG C 217 39.45 3.20 18.23
N GLU C 218 40.53 3.63 18.88
CA GLU C 218 41.76 2.86 18.91
C GLU C 218 41.82 1.89 20.10
N GLU C 219 40.96 2.15 21.09
CA GLU C 219 40.95 1.35 22.29
C GLU C 219 39.75 0.40 22.28
N VAL C 220 38.90 0.60 21.29
CA VAL C 220 37.70 -0.21 21.19
C VAL C 220 37.87 -1.31 20.15
N LEU C 221 38.36 -0.94 18.97
CA LEU C 221 38.55 -1.90 17.88
C LEU C 221 39.90 -2.62 18.01
N THR C 222 39.99 -3.45 19.04
CA THR C 222 41.15 -4.29 19.30
C THR C 222 40.82 -5.70 18.85
N PRO C 223 41.78 -6.41 18.24
CA PRO C 223 41.55 -7.78 17.76
C PRO C 223 40.83 -8.74 18.74
N PRO C 224 41.14 -8.72 20.06
CA PRO C 224 40.34 -9.55 20.98
C PRO C 224 38.87 -9.11 21.13
N ASN C 225 38.62 -7.81 21.23
CA ASN C 225 37.24 -7.30 21.24
C ASN C 225 36.46 -7.75 20.02
N LEU C 226 37.06 -7.52 18.86
CA LEU C 226 36.45 -7.86 17.60
C LEU C 226 36.25 -9.35 17.53
N ALA C 227 37.14 -10.10 18.18
CA ALA C 227 37.02 -11.55 18.22
C ALA C 227 35.81 -11.96 19.07
N GLN C 228 35.54 -11.24 20.15
CA GLN C 228 34.36 -11.56 20.93
C GLN C 228 33.06 -11.22 20.21
N ALA C 229 33.02 -10.04 19.60
CA ALA C 229 31.81 -9.50 18.95
C ALA C 229 31.40 -10.28 17.70
N TYR C 230 32.33 -10.41 16.77
CA TYR C 230 32.06 -11.08 15.52
C TYR C 230 32.40 -12.59 15.56
N GLY C 231 33.40 -12.96 16.36
CA GLY C 231 33.80 -14.35 16.41
C GLY C 231 34.78 -14.73 15.31
N MET C 232 35.88 -14.00 15.24
CA MET C 232 36.95 -14.31 14.29
C MET C 232 38.19 -13.46 14.54
N ASN C 233 39.35 -14.09 14.44
CA ASN C 233 40.64 -13.40 14.58
C ASN C 233 40.77 -12.23 13.59
N PHE C 234 41.52 -11.21 14.00
CA PHE C 234 41.67 -9.99 13.21
C PHE C 234 43.08 -9.45 13.44
N ARG C 235 43.82 -9.17 12.38
CA ARG C 235 45.15 -8.61 12.58
C ARG C 235 45.21 -7.13 12.22
N ARG C 236 45.91 -6.35 13.04
CA ARG C 236 46.16 -4.94 12.73
C ARG C 236 47.39 -4.74 11.87
N LEU C 237 47.39 -3.70 11.06
CA LEU C 237 48.59 -3.34 10.29
C LEU C 237 48.53 -1.88 9.94
N ASP C 238 49.69 -1.26 9.79
CA ASP C 238 49.77 0.19 9.64
C ASP C 238 50.76 0.64 8.55
N ILE C 239 50.26 1.04 7.37
CA ILE C 239 51.11 1.53 6.30
C ILE C 239 50.94 2.98 5.94
N GLU C 240 52.05 3.72 5.92
CA GLU C 240 52.05 5.13 5.54
C GLU C 240 51.05 5.97 6.33
N GLY C 241 50.61 5.43 7.46
CA GLY C 241 49.62 6.09 8.28
C GLY C 241 48.19 5.79 7.84
N HIS C 242 47.84 4.52 7.82
CA HIS C 242 46.47 4.14 7.47
C HIS C 242 45.83 3.19 8.49
N ARG C 243 46.64 2.47 9.28
CA ARG C 243 46.17 1.51 10.31
C ARG C 243 44.97 0.65 9.85
N MET C 244 45.18 -0.18 8.82
CA MET C 244 44.10 -0.99 8.26
C MET C 244 43.72 -2.17 9.20
N LEU C 245 42.69 -2.91 8.85
CA LEU C 245 42.27 -4.06 9.68
C LEU C 245 41.96 -5.30 8.85
N ILE C 246 42.79 -6.31 8.99
CA ILE C 246 42.63 -7.52 8.19
C ILE C 246 42.01 -8.70 8.96
N SER C 247 41.36 -9.65 8.27
CA SER C 247 40.75 -10.82 8.91
C SER C 247 41.48 -12.09 8.52
N THR C 248 41.66 -12.97 9.48
CA THR C 248 42.20 -14.29 9.22
C THR C 248 41.04 -15.25 9.18
N ILE C 249 40.53 -15.48 7.98
CA ILE C 249 39.34 -16.30 7.81
C ILE C 249 39.72 -17.77 7.68
N SER D 2 31.07 -23.58 -22.55
CA SER D 2 30.77 -23.31 -21.14
C SER D 2 30.35 -21.87 -20.91
N ILE D 3 30.37 -21.03 -21.95
CA ILE D 3 29.79 -19.69 -21.84
C ILE D 3 28.28 -19.78 -21.54
N VAL D 4 27.85 -19.21 -20.42
CA VAL D 4 26.47 -19.37 -19.99
C VAL D 4 25.64 -18.20 -20.46
N MET D 5 26.22 -17.03 -20.42
CA MET D 5 25.53 -15.83 -20.82
C MET D 5 26.35 -15.11 -21.88
N GLN D 6 25.69 -14.38 -22.78
CA GLN D 6 26.43 -13.61 -23.76
C GLN D 6 25.67 -12.38 -24.15
N LEU D 7 26.26 -11.22 -23.91
CA LEU D 7 25.54 -9.97 -24.18
C LEU D 7 26.03 -9.34 -25.49
N GLN D 8 25.13 -8.88 -26.33
CA GLN D 8 25.58 -8.07 -27.47
C GLN D 8 24.72 -6.82 -27.67
N ASP D 9 25.41 -5.69 -27.63
CA ASP D 9 24.86 -4.34 -27.87
C ASP D 9 23.67 -3.96 -27.00
N VAL D 10 23.69 -4.44 -25.76
CA VAL D 10 22.66 -4.16 -24.78
C VAL D 10 22.62 -2.69 -24.42
N ALA D 11 21.47 -2.05 -24.60
CA ALA D 11 21.38 -0.64 -24.26
C ALA D 11 20.01 -0.29 -23.67
N GLU D 12 19.92 0.90 -23.07
CA GLU D 12 18.67 1.33 -22.47
C GLU D 12 18.70 2.82 -22.22
N SER D 13 18.11 3.59 -23.12
CA SER D 13 18.05 5.04 -22.96
C SER D 13 19.42 5.63 -22.69
N THR D 14 19.45 6.72 -21.93
CA THR D 14 20.70 7.36 -21.58
C THR D 14 21.14 6.90 -20.18
N ARG D 15 20.69 5.72 -19.77
CA ARG D 15 21.06 5.24 -18.45
C ARG D 15 21.89 3.98 -18.54
N LEU D 16 22.06 3.47 -19.74
CA LEU D 16 22.89 2.28 -19.94
C LEU D 16 23.29 2.23 -21.41
N GLY D 17 24.48 2.72 -21.71
CA GLY D 17 25.02 2.72 -23.05
C GLY D 17 25.14 1.31 -23.60
N PRO D 18 25.67 1.16 -24.80
CA PRO D 18 25.66 -0.18 -25.41
C PRO D 18 26.84 -1.08 -25.00
N LEU D 19 26.55 -2.25 -24.43
CA LEU D 19 27.61 -3.14 -23.96
C LEU D 19 27.59 -4.48 -24.63
N SER D 20 28.68 -5.23 -24.47
CA SER D 20 28.76 -6.58 -25.02
C SER D 20 29.85 -7.33 -24.27
N GLY D 21 29.46 -8.37 -23.55
CA GLY D 21 30.44 -9.19 -22.84
C GLY D 21 30.00 -10.63 -22.83
N GLU D 22 30.59 -11.43 -21.94
CA GLU D 22 30.23 -12.84 -21.82
C GLU D 22 30.39 -13.32 -20.37
N VAL D 23 29.59 -14.29 -19.95
CA VAL D 23 29.70 -14.78 -18.58
C VAL D 23 29.98 -16.28 -18.52
N ARG D 24 31.16 -16.67 -18.04
CA ARG D 24 31.49 -18.11 -18.04
C ARG D 24 31.02 -18.92 -16.84
N ALA D 25 30.88 -20.21 -17.06
CA ALA D 25 30.24 -21.09 -16.10
C ALA D 25 31.10 -21.49 -14.94
N GLY D 26 31.34 -20.58 -14.02
CA GLY D 26 32.04 -21.01 -12.82
C GLY D 26 33.01 -19.96 -12.47
N GLU D 27 32.67 -18.74 -12.87
CA GLU D 27 33.49 -17.60 -12.61
C GLU D 27 32.60 -16.61 -11.89
N ILE D 28 33.17 -15.99 -10.87
CA ILE D 28 32.45 -14.97 -10.15
C ILE D 28 32.81 -13.67 -10.82
N LEU D 29 31.83 -13.06 -11.45
CA LEU D 29 32.04 -11.78 -12.10
C LEU D 29 31.56 -10.66 -11.21
N HIS D 30 32.38 -9.66 -10.99
CA HIS D 30 31.84 -8.50 -10.25
C HIS D 30 31.55 -7.29 -11.13
N LEU D 31 30.38 -6.68 -10.94
CA LEU D 31 30.07 -5.42 -11.64
C LEU D 31 30.45 -4.25 -10.77
N VAL D 32 31.53 -3.56 -11.11
CA VAL D 32 31.90 -2.40 -10.32
C VAL D 32 31.75 -1.08 -11.08
N GLY D 33 31.50 0.00 -10.37
CA GLY D 33 31.27 1.30 -10.99
C GLY D 33 30.47 2.21 -10.08
N PRO D 34 30.57 3.52 -10.33
CA PRO D 34 29.98 4.53 -9.46
C PRO D 34 28.46 4.48 -9.48
N ASN D 35 27.81 5.25 -8.60
CA ASN D 35 26.37 5.51 -8.68
C ASN D 35 26.16 6.13 -10.06
N GLY D 36 25.21 5.64 -10.82
CA GLY D 36 25.04 6.23 -12.13
C GLY D 36 25.83 5.51 -13.21
N ALA D 37 26.53 4.45 -12.82
CA ALA D 37 27.18 3.61 -13.81
C ALA D 37 26.17 2.77 -14.56
N GLY D 38 25.11 2.38 -13.88
CA GLY D 38 24.11 1.55 -14.50
C GLY D 38 24.30 0.05 -14.32
N LYS D 39 24.79 -0.36 -13.15
CA LYS D 39 24.91 -1.76 -12.78
C LYS D 39 23.54 -2.44 -12.56
N SER D 40 22.67 -1.80 -11.78
CA SER D 40 21.38 -2.40 -11.43
C SER D 40 20.57 -2.62 -12.71
N THR D 41 20.71 -1.70 -13.66
CA THR D 41 20.01 -1.78 -14.93
C THR D 41 20.43 -2.98 -15.75
N LEU D 42 21.74 -3.10 -15.92
CA LEU D 42 22.33 -4.20 -16.66
C LEU D 42 21.96 -5.51 -16.00
N LEU D 43 22.10 -5.58 -14.69
CA LEU D 43 21.78 -6.80 -13.98
C LEU D 43 20.31 -7.23 -14.16
N ALA D 44 19.39 -6.30 -13.94
CA ALA D 44 17.99 -6.60 -14.14
C ALA D 44 17.72 -7.11 -15.56
N ARG D 45 18.28 -6.42 -16.55
CA ARG D 45 18.15 -6.85 -17.95
C ARG D 45 18.67 -8.29 -18.17
N MET D 46 19.82 -8.58 -17.61
CA MET D 46 20.42 -9.91 -17.68
C MET D 46 19.49 -10.95 -17.05
N ALA D 47 18.73 -10.53 -16.05
CA ALA D 47 17.81 -11.43 -15.36
C ALA D 47 16.54 -11.73 -16.15
N GLY D 48 16.32 -10.97 -17.21
CA GLY D 48 15.12 -11.14 -18.01
C GLY D 48 13.95 -10.36 -17.45
N MET D 49 14.21 -9.55 -16.43
CA MET D 49 13.17 -8.73 -15.81
C MET D 49 12.75 -7.59 -16.69
N THR D 50 13.57 -7.28 -17.69
CA THR D 50 13.30 -6.18 -18.57
C THR D 50 13.58 -6.55 -19.99
N SER D 51 12.88 -5.92 -20.93
CA SER D 51 13.24 -6.06 -22.34
C SER D 51 13.82 -4.73 -22.85
N GLY D 52 14.43 -4.76 -24.03
CA GLY D 52 14.89 -3.54 -24.65
C GLY D 52 15.93 -3.72 -25.75
N LYS D 53 16.58 -2.61 -26.10
CA LYS D 53 17.62 -2.60 -27.13
C LYS D 53 18.67 -3.65 -26.88
N GLY D 54 19.28 -4.13 -27.95
CA GLY D 54 20.32 -5.12 -27.83
C GLY D 54 19.74 -6.51 -27.67
N SER D 55 20.61 -7.51 -27.63
CA SER D 55 20.14 -8.86 -27.44
C SER D 55 21.10 -9.70 -26.62
N ILE D 56 20.59 -10.58 -25.78
CA ILE D 56 21.49 -11.46 -25.02
C ILE D 56 21.05 -12.92 -25.04
N GLN D 57 22.02 -13.84 -25.07
CA GLN D 57 21.73 -15.26 -25.16
C GLN D 57 22.07 -15.98 -23.86
N PHE D 58 21.17 -16.84 -23.40
CA PHE D 58 21.34 -17.58 -22.13
C PHE D 58 21.10 -19.07 -22.29
N ALA D 59 22.12 -19.88 -22.04
CA ALA D 59 22.08 -21.33 -22.19
C ALA D 59 21.73 -21.76 -23.62
N GLY D 60 22.44 -21.19 -24.60
CA GLY D 60 22.27 -21.57 -26.00
C GLY D 60 20.93 -21.23 -26.62
N GLN D 61 20.14 -20.48 -25.86
CA GLN D 61 18.82 -20.05 -26.25
C GLN D 61 18.76 -18.58 -25.87
N PRO D 62 17.91 -17.79 -26.54
CA PRO D 62 17.87 -16.37 -26.15
C PRO D 62 16.80 -16.07 -25.10
N LEU D 63 17.07 -15.09 -24.24
CA LEU D 63 16.19 -14.72 -23.13
C LEU D 63 14.73 -14.45 -23.51
N GLU D 64 14.54 -13.64 -24.53
CA GLU D 64 13.21 -13.35 -25.07
C GLU D 64 12.44 -14.59 -25.52
N ALA D 65 13.06 -15.76 -25.39
CA ALA D 65 12.44 -17.01 -25.83
C ALA D 65 12.29 -17.96 -24.67
N TRP D 66 12.52 -17.43 -23.47
CA TRP D 66 12.35 -18.24 -22.27
C TRP D 66 11.06 -17.88 -21.58
N SER D 67 10.41 -18.89 -21.03
CA SER D 67 9.20 -18.72 -20.28
C SER D 67 9.62 -18.30 -18.89
N ALA D 68 8.84 -17.43 -18.27
CA ALA D 68 9.12 -16.96 -16.91
C ALA D 68 9.35 -18.13 -15.97
N THR D 69 8.81 -19.31 -16.30
CA THR D 69 8.93 -20.45 -15.39
C THR D 69 10.16 -21.31 -15.59
N LYS D 70 10.48 -21.61 -16.85
CA LYS D 70 11.70 -22.37 -17.08
C LYS D 70 12.87 -21.48 -16.67
N LEU D 71 12.77 -20.18 -16.96
CA LEU D 71 13.84 -19.24 -16.63
C LEU D 71 14.18 -19.27 -15.15
N ALA D 72 13.17 -19.32 -14.28
CA ALA D 72 13.41 -19.35 -12.83
C ALA D 72 13.99 -20.69 -12.33
N LEU D 73 14.33 -21.56 -13.27
CA LEU D 73 14.90 -22.86 -12.96
C LEU D 73 16.41 -22.80 -13.19
N HIS D 74 16.80 -22.00 -14.18
CA HIS D 74 18.20 -21.85 -14.54
C HIS D 74 18.85 -20.53 -14.14
N ARG D 75 18.07 -19.67 -13.51
CA ARG D 75 18.50 -18.32 -13.15
C ARG D 75 17.80 -17.88 -11.89
N ALA D 76 18.54 -17.30 -10.96
CA ALA D 76 17.97 -16.71 -9.76
C ALA D 76 18.48 -15.27 -9.62
N TYR D 77 17.55 -14.34 -9.38
CA TYR D 77 17.86 -12.92 -9.37
C TYR D 77 17.49 -12.28 -8.06
N LEU D 78 18.36 -11.40 -7.56
CA LEU D 78 18.14 -10.70 -6.30
C LEU D 78 18.20 -9.20 -6.48
N SER D 79 17.04 -8.56 -6.57
CA SER D 79 16.93 -7.12 -6.77
C SER D 79 17.65 -6.34 -5.70
N GLN D 80 18.02 -5.11 -6.02
CA GLN D 80 18.83 -4.31 -5.08
C GLN D 80 18.06 -4.08 -3.79
N GLN D 81 16.78 -3.72 -3.87
CA GLN D 81 15.95 -3.54 -2.67
C GLN D 81 14.62 -4.29 -2.77
N GLN D 82 14.21 -4.97 -1.71
CA GLN D 82 12.92 -5.68 -1.67
C GLN D 82 12.33 -5.57 -0.27
N THR D 83 11.03 -5.29 -0.20
CA THR D 83 10.34 -5.11 1.07
C THR D 83 9.75 -6.45 1.56
N PRO D 84 9.96 -6.78 2.84
CA PRO D 84 9.44 -8.03 3.40
C PRO D 84 7.92 -8.08 3.43
N PRO D 85 7.34 -9.25 3.10
CA PRO D 85 5.91 -9.55 3.16
C PRO D 85 5.38 -9.56 4.58
N PHE D 86 4.07 -9.38 4.79
CA PHE D 86 3.54 -9.30 6.15
C PHE D 86 3.33 -10.69 6.73
N ALA D 87 3.72 -10.86 8.00
CA ALA D 87 3.44 -12.06 8.79
C ALA D 87 3.71 -13.36 8.05
N THR D 88 4.82 -13.36 7.32
CA THR D 88 5.30 -14.54 6.59
C THR D 88 6.52 -15.14 7.26
N PRO D 89 6.35 -16.31 7.88
CA PRO D 89 7.44 -16.97 8.59
C PRO D 89 8.61 -17.32 7.68
N VAL D 90 9.84 -17.17 8.17
CA VAL D 90 11.01 -17.38 7.35
C VAL D 90 11.00 -18.72 6.64
N TRP D 91 10.78 -19.80 7.40
CA TRP D 91 10.76 -21.16 6.86
C TRP D 91 9.85 -21.27 5.62
N HIS D 92 8.77 -20.50 5.63
CA HIS D 92 7.81 -20.52 4.55
C HIS D 92 8.37 -19.75 3.35
N TYR D 93 8.91 -18.57 3.62
CA TYR D 93 9.48 -17.76 2.55
C TYR D 93 10.58 -18.50 1.82
N LEU D 94 11.39 -19.22 2.59
CA LEU D 94 12.48 -19.99 2.03
C LEU D 94 11.93 -21.18 1.22
N THR D 95 11.13 -22.03 1.86
CA THR D 95 10.59 -23.19 1.17
C THR D 95 9.80 -22.84 -0.07
N LEU D 96 9.45 -21.55 -0.20
CA LEU D 96 8.68 -21.10 -1.33
C LEU D 96 9.58 -20.92 -2.57
N HIS D 97 10.89 -20.98 -2.36
CA HIS D 97 11.82 -20.70 -3.45
C HIS D 97 12.37 -22.01 -3.96
N GLN D 98 12.19 -23.06 -3.17
CA GLN D 98 12.69 -24.37 -3.51
C GLN D 98 11.84 -25.00 -4.60
N HIS D 99 12.48 -25.56 -5.61
CA HIS D 99 11.74 -26.31 -6.61
C HIS D 99 11.44 -27.70 -6.08
N ASP D 100 12.32 -28.22 -5.23
CA ASP D 100 12.12 -29.53 -4.65
C ASP D 100 11.87 -29.40 -3.16
N LYS D 101 10.61 -29.20 -2.78
CA LYS D 101 10.24 -29.04 -1.38
C LYS D 101 10.57 -30.26 -0.52
N THR D 102 10.93 -31.36 -1.19
CA THR D 102 11.27 -32.61 -0.53
C THR D 102 12.50 -32.48 0.35
N ARG D 103 13.44 -31.63 -0.09
CA ARG D 103 14.74 -31.52 0.58
C ARG D 103 14.74 -30.48 1.68
N THR D 104 14.59 -30.96 2.90
CA THR D 104 14.53 -30.12 4.08
C THR D 104 15.89 -30.02 4.76
N GLU D 105 16.72 -31.05 4.60
CA GLU D 105 18.08 -31.03 5.12
C GLU D 105 18.84 -29.87 4.47
N LEU D 106 18.54 -29.63 3.19
CA LEU D 106 19.19 -28.56 2.45
C LEU D 106 18.83 -27.21 3.02
N LEU D 107 17.58 -27.08 3.40
CA LEU D 107 17.10 -25.81 3.94
C LEU D 107 17.77 -25.56 5.29
N ASN D 108 18.03 -26.61 6.05
CA ASN D 108 18.67 -26.42 7.34
C ASN D 108 20.16 -26.08 7.18
N ASP D 109 20.89 -26.73 6.25
CA ASP D 109 22.29 -26.41 6.00
C ASP D 109 22.44 -25.02 5.41
N VAL D 110 21.73 -24.71 4.33
CA VAL D 110 21.87 -23.40 3.72
C VAL D 110 21.39 -22.29 4.64
N ALA D 111 20.32 -22.49 5.38
CA ALA D 111 19.84 -21.43 6.29
C ALA D 111 20.75 -21.40 7.51
N GLY D 112 21.37 -22.53 7.77
CA GLY D 112 22.27 -22.66 8.89
C GLY D 112 23.55 -21.91 8.65
N ALA D 113 24.04 -21.93 7.41
CA ALA D 113 25.28 -21.26 7.06
C ALA D 113 25.22 -19.77 7.30
N LEU D 114 24.10 -19.17 6.97
CA LEU D 114 23.90 -17.74 7.18
C LEU D 114 23.37 -17.43 8.58
N ALA D 115 23.42 -18.43 9.46
CA ALA D 115 22.95 -18.29 10.84
C ALA D 115 21.44 -17.93 10.95
N LEU D 116 20.59 -18.74 10.30
CA LEU D 116 19.14 -18.55 10.29
C LEU D 116 18.43 -19.71 10.97
N ASP D 117 19.21 -20.53 11.67
CA ASP D 117 18.73 -21.69 12.40
C ASP D 117 17.57 -21.37 13.32
N ASP D 118 17.82 -20.44 14.22
CA ASP D 118 16.91 -20.07 15.30
C ASP D 118 15.79 -19.16 14.84
N LYS D 119 15.91 -18.66 13.62
CA LYS D 119 15.00 -17.61 13.14
C LYS D 119 13.99 -18.14 12.11
N LEU D 120 14.07 -19.43 11.81
CA LEU D 120 13.16 -20.06 10.85
C LEU D 120 11.70 -19.77 11.15
N GLY D 121 11.38 -19.62 12.43
CA GLY D 121 10.00 -19.43 12.87
C GLY D 121 9.53 -18.00 13.03
N ARG D 122 10.41 -17.06 12.73
CA ARG D 122 10.07 -15.66 12.88
C ARG D 122 9.50 -15.09 11.59
N SER D 123 8.59 -14.12 11.70
CA SER D 123 8.07 -13.46 10.50
C SER D 123 9.13 -12.53 9.92
N THR D 124 9.12 -12.36 8.60
CA THR D 124 10.16 -11.63 7.86
C THR D 124 10.11 -10.10 8.02
N ASN D 125 8.93 -9.55 8.30
CA ASN D 125 8.83 -8.10 8.56
C ASN D 125 9.25 -7.77 9.99
N GLN D 126 9.82 -8.75 10.67
CA GLN D 126 10.26 -8.60 12.04
C GLN D 126 11.71 -9.01 12.21
N LEU D 127 12.55 -8.57 11.27
CA LEU D 127 13.97 -8.86 11.37
C LEU D 127 14.83 -7.60 11.29
N SER D 128 16.11 -7.74 11.64
CA SER D 128 17.07 -6.68 11.39
C SER D 128 17.23 -6.50 9.89
N GLY D 129 17.90 -5.44 9.48
CA GLY D 129 18.12 -5.20 8.06
C GLY D 129 18.98 -6.31 7.51
N GLY D 130 20.05 -6.58 8.23
CA GLY D 130 20.97 -7.63 7.84
C GLY D 130 20.30 -9.01 7.80
N GLU D 131 19.53 -9.32 8.83
CA GLU D 131 18.86 -10.61 8.90
C GLU D 131 17.95 -10.91 7.71
N TRP D 132 17.05 -9.97 7.42
CA TRP D 132 16.24 -10.06 6.22
C TRP D 132 17.13 -10.25 4.99
N GLN D 133 18.20 -9.45 4.86
CA GLN D 133 19.02 -9.55 3.65
C GLN D 133 19.58 -10.97 3.49
N ARG D 134 19.94 -11.57 4.62
CA ARG D 134 20.40 -12.96 4.63
C ARG D 134 19.29 -13.89 4.23
N VAL D 135 18.08 -13.64 4.72
CA VAL D 135 16.95 -14.46 4.33
C VAL D 135 16.78 -14.43 2.80
N ARG D 136 16.90 -13.25 2.20
CA ARG D 136 16.76 -13.14 0.74
C ARG D 136 17.82 -13.96 0.04
N LEU D 137 19.03 -13.81 0.53
CA LEU D 137 20.17 -14.50 -0.05
C LEU D 137 20.03 -16.02 0.04
N ALA D 138 19.49 -16.50 1.15
CA ALA D 138 19.34 -17.93 1.34
C ALA D 138 18.25 -18.44 0.41
N ALA D 139 17.15 -17.70 0.30
CA ALA D 139 16.10 -18.14 -0.63
C ALA D 139 16.65 -18.29 -2.02
N VAL D 140 17.37 -17.28 -2.48
CA VAL D 140 17.81 -17.27 -3.85
C VAL D 140 18.83 -18.40 -4.04
N VAL D 141 19.70 -18.62 -3.06
CA VAL D 141 20.60 -19.77 -3.14
C VAL D 141 19.81 -21.09 -3.27
N LEU D 142 18.85 -21.35 -2.38
CA LEU D 142 18.02 -22.54 -2.43
C LEU D 142 17.35 -22.72 -3.78
N GLN D 143 17.02 -21.59 -4.41
CA GLN D 143 16.37 -21.62 -5.69
C GLN D 143 17.35 -22.09 -6.77
N ILE D 144 18.65 -21.86 -6.55
CA ILE D 144 19.57 -22.28 -7.60
C ILE D 144 20.70 -23.23 -7.19
N THR D 145 20.61 -23.78 -5.97
CA THR D 145 21.63 -24.66 -5.41
C THR D 145 21.76 -25.95 -6.23
N PRO D 146 22.94 -26.15 -6.82
CA PRO D 146 23.25 -27.35 -7.63
C PRO D 146 23.11 -28.68 -6.84
N GLN D 147 23.07 -28.59 -5.53
CA GLN D 147 22.86 -29.78 -4.72
C GLN D 147 21.38 -30.23 -4.72
N ALA D 148 20.51 -29.49 -5.41
CA ALA D 148 19.09 -29.87 -5.51
C ALA D 148 18.43 -29.42 -6.80
N ASN D 149 19.24 -28.97 -7.73
CA ASN D 149 18.76 -28.44 -8.96
C ASN D 149 19.81 -28.58 -10.00
N PRO D 150 19.57 -29.48 -10.96
CA PRO D 150 20.59 -29.73 -11.97
C PRO D 150 20.41 -28.81 -13.14
N ALA D 151 19.45 -27.92 -12.99
CA ALA D 151 19.13 -26.97 -14.03
C ALA D 151 19.71 -25.62 -13.72
N GLY D 152 20.14 -25.42 -12.47
CA GLY D 152 20.68 -24.14 -12.06
C GLY D 152 22.00 -23.80 -12.69
N GLN D 153 22.10 -22.59 -13.23
CA GLN D 153 23.32 -22.16 -13.90
C GLN D 153 23.75 -20.75 -13.50
N LEU D 154 23.03 -19.75 -13.95
CA LEU D 154 23.31 -18.38 -13.54
C LEU D 154 22.74 -18.01 -12.15
N LEU D 155 23.26 -16.96 -11.53
CA LEU D 155 22.78 -16.44 -10.25
C LEU D 155 23.19 -14.97 -10.16
N LEU D 156 22.28 -14.07 -10.48
CA LEU D 156 22.60 -12.65 -10.40
C LEU D 156 22.31 -12.02 -9.03
N LEU D 157 23.08 -11.04 -8.63
CA LEU D 157 22.91 -10.52 -7.28
C LEU D 157 23.21 -9.05 -7.27
N ASP D 158 22.27 -8.21 -6.87
CA ASP D 158 22.51 -6.79 -6.89
C ASP D 158 22.96 -6.25 -5.51
N GLN D 159 24.26 -6.17 -5.28
CA GLN D 159 24.78 -5.64 -4.00
C GLN D 159 24.24 -6.39 -2.84
N PRO D 160 24.65 -7.66 -2.72
CA PRO D 160 24.02 -8.54 -1.76
C PRO D 160 24.89 -8.64 -0.54
N MET D 161 25.72 -7.64 -0.31
CA MET D 161 26.73 -7.79 0.71
C MET D 161 26.59 -6.63 1.66
N CYS D 162 25.74 -5.71 1.25
CA CYS D 162 25.47 -4.55 2.05
C CYS D 162 24.54 -4.91 3.21
N SER D 163 24.83 -4.30 4.36
CA SER D 163 24.09 -4.47 5.62
C SER D 163 24.41 -5.79 6.36
N LEU D 164 25.32 -6.58 5.78
CA LEU D 164 25.77 -7.84 6.37
C LEU D 164 26.99 -7.58 7.25
N ASP D 165 27.04 -8.11 8.48
CA ASP D 165 28.21 -7.90 9.37
C ASP D 165 29.43 -8.63 8.78
N VAL D 166 30.62 -8.30 9.26
CA VAL D 166 31.87 -8.88 8.76
C VAL D 166 31.85 -10.41 8.64
N ALA D 167 31.38 -11.03 9.71
CA ALA D 167 31.29 -12.49 9.83
C ALA D 167 30.36 -13.05 8.77
N GLN D 168 29.12 -12.56 8.71
CA GLN D 168 28.20 -13.00 7.70
C GLN D 168 28.77 -12.81 6.29
N GLN D 169 29.37 -11.65 6.02
CA GLN D 169 29.94 -11.35 4.70
C GLN D 169 30.89 -12.49 4.34
N SER D 170 31.77 -12.80 5.28
CA SER D 170 32.71 -13.88 5.10
C SER D 170 31.99 -15.22 4.81
N ALA D 171 30.91 -15.48 5.54
CA ALA D 171 30.17 -16.72 5.36
C ALA D 171 29.60 -16.87 3.95
N LEU D 172 28.93 -15.82 3.48
CA LEU D 172 28.43 -15.76 2.12
C LEU D 172 29.55 -15.96 1.12
N ASP D 173 30.71 -15.38 1.41
CA ASP D 173 31.88 -15.59 0.55
C ASP D 173 32.14 -17.08 0.40
N LYS D 174 32.14 -17.80 1.51
CA LYS D 174 32.28 -19.26 1.48
C LYS D 174 31.20 -19.89 0.61
N ILE D 175 29.93 -19.49 0.81
CA ILE D 175 28.81 -20.08 0.05
C ILE D 175 28.91 -19.95 -1.46
N LEU D 176 29.09 -18.71 -1.91
CA LEU D 176 29.28 -18.42 -3.31
C LEU D 176 30.52 -19.09 -3.87
N SER D 177 31.57 -19.18 -3.04
CA SER D 177 32.78 -19.87 -3.46
C SER D 177 32.43 -21.32 -3.81
N ALA D 178 31.65 -21.95 -2.94
CA ALA D 178 31.31 -23.34 -3.16
C ALA D 178 30.45 -23.48 -4.42
N LEU D 179 29.44 -22.63 -4.59
CA LEU D 179 28.59 -22.73 -5.79
C LEU D 179 29.41 -22.55 -7.07
N SER D 180 30.36 -21.62 -7.04
CA SER D 180 31.16 -21.36 -8.25
C SER D 180 32.07 -22.54 -8.54
N GLN D 181 32.53 -23.20 -7.49
CA GLN D 181 33.40 -24.36 -7.64
C GLN D 181 32.60 -25.51 -8.23
N GLN D 182 31.31 -25.56 -7.92
CA GLN D 182 30.45 -26.59 -8.48
C GLN D 182 29.94 -26.25 -9.87
N GLY D 183 30.49 -25.20 -10.48
CA GLY D 183 30.16 -24.89 -11.85
C GLY D 183 28.93 -24.04 -12.04
N LEU D 184 28.90 -22.90 -11.37
CA LEU D 184 27.72 -22.08 -11.36
C LEU D 184 28.15 -20.64 -11.53
N ALA D 185 27.70 -19.99 -12.61
CA ALA D 185 28.08 -18.62 -12.84
C ALA D 185 27.47 -17.76 -11.77
N ILE D 186 28.21 -16.72 -11.35
CA ILE D 186 27.69 -15.81 -10.34
C ILE D 186 28.05 -14.40 -10.69
N VAL D 187 27.05 -13.55 -10.88
CA VAL D 187 27.33 -12.17 -11.25
C VAL D 187 26.75 -11.22 -10.23
N MET D 188 27.57 -10.28 -9.78
CA MET D 188 27.11 -9.33 -8.78
C MET D 188 27.84 -8.02 -8.72
N SER D 189 27.13 -6.97 -8.35
CA SER D 189 27.75 -5.68 -8.13
C SER D 189 28.37 -5.62 -6.75
N SER D 190 29.41 -4.81 -6.63
CA SER D 190 30.11 -4.67 -5.37
C SER D 190 30.67 -3.28 -5.32
N HIS D 191 30.42 -2.56 -4.24
CA HIS D 191 31.05 -1.26 -4.11
C HIS D 191 32.29 -1.35 -3.23
N ASP D 192 32.59 -2.55 -2.72
CA ASP D 192 33.79 -2.76 -1.91
C ASP D 192 34.95 -3.25 -2.77
N LEU D 193 35.73 -2.32 -3.31
CA LEU D 193 36.81 -2.71 -4.22
C LEU D 193 37.70 -3.82 -3.65
N ASN D 194 38.10 -3.68 -2.39
CA ASN D 194 39.01 -4.63 -1.78
C ASN D 194 38.44 -6.03 -1.85
N HIS D 195 37.15 -6.12 -1.56
CA HIS D 195 36.44 -7.37 -1.62
C HIS D 195 36.46 -7.95 -3.03
N THR D 196 36.22 -7.11 -4.03
CA THR D 196 36.30 -7.60 -5.41
C THR D 196 37.71 -8.15 -5.70
N LEU D 197 38.73 -7.37 -5.32
CA LEU D 197 40.12 -7.77 -5.54
C LEU D 197 40.48 -9.08 -4.90
N ARG D 198 39.82 -9.36 -3.79
CA ARG D 198 40.10 -10.56 -3.02
C ARG D 198 39.26 -11.76 -3.44
N HIS D 199 37.99 -11.57 -3.78
CA HIS D 199 37.09 -12.68 -4.08
C HIS D 199 36.58 -12.87 -5.51
N ALA D 200 36.66 -11.84 -6.35
CA ALA D 200 36.14 -11.96 -7.70
C ALA D 200 37.17 -12.58 -8.62
N HIS D 201 36.72 -13.38 -9.58
CA HIS D 201 37.62 -13.87 -10.63
C HIS D 201 37.83 -12.82 -11.71
N ARG D 202 36.71 -12.43 -12.33
CA ARG D 202 36.74 -11.45 -13.42
C ARG D 202 35.90 -10.22 -12.96
N ALA D 203 36.24 -9.03 -13.47
CA ALA D 203 35.43 -7.83 -13.19
C ALA D 203 35.03 -7.08 -14.44
N TRP D 204 33.97 -6.29 -14.31
CA TRP D 204 33.47 -5.36 -15.33
C TRP D 204 33.39 -3.96 -14.70
N LEU D 205 34.35 -3.11 -15.00
CA LEU D 205 34.29 -1.70 -14.60
C LEU D 205 33.35 -0.89 -15.53
N LEU D 206 32.37 -0.18 -14.96
CA LEU D 206 31.42 0.58 -15.76
C LEU D 206 31.41 2.03 -15.34
N LYS D 207 31.05 2.93 -16.26
CA LYS D 207 30.94 4.35 -15.93
C LYS D 207 30.06 5.02 -16.98
N GLY D 208 29.08 5.79 -16.49
CA GLY D 208 28.18 6.50 -17.38
C GLY D 208 27.44 5.61 -18.38
N GLY D 209 27.34 4.32 -18.04
CA GLY D 209 26.58 3.42 -18.88
C GLY D 209 27.48 2.57 -19.73
N LYS D 210 28.69 3.07 -19.99
CA LYS D 210 29.61 2.37 -20.88
C LYS D 210 30.60 1.48 -20.15
N MET D 211 31.24 0.57 -20.88
CA MET D 211 32.24 -0.28 -20.25
C MET D 211 33.67 0.19 -20.43
N LEU D 212 34.36 0.44 -19.31
CA LEU D 212 35.74 0.94 -19.28
C LEU D 212 36.81 -0.14 -19.37
N ALA D 213 36.69 -1.16 -18.53
CA ALA D 213 37.66 -2.25 -18.48
C ALA D 213 36.98 -3.55 -18.08
N SER D 214 37.50 -4.65 -18.57
CA SER D 214 36.90 -5.92 -18.26
C SER D 214 37.95 -7.01 -18.29
N GLY D 215 37.96 -7.89 -17.30
CA GLY D 215 38.91 -8.99 -17.40
C GLY D 215 39.34 -9.50 -16.04
N ARG D 216 40.61 -9.85 -15.91
CA ARG D 216 41.08 -10.37 -14.64
C ARG D 216 40.87 -9.26 -13.61
N ARG D 217 40.39 -9.59 -12.41
CA ARG D 217 40.08 -8.54 -11.42
C ARG D 217 41.28 -7.65 -11.11
N GLU D 218 42.48 -8.16 -11.39
CA GLU D 218 43.69 -7.45 -11.04
C GLU D 218 44.16 -6.58 -12.18
N GLU D 219 43.62 -6.83 -13.37
CA GLU D 219 44.00 -6.05 -14.55
C GLU D 219 42.91 -5.03 -14.80
N VAL D 220 41.85 -5.11 -14.01
CA VAL D 220 40.74 -4.18 -14.15
C VAL D 220 40.86 -3.10 -13.11
N LEU D 221 41.03 -3.51 -11.84
CA LEU D 221 41.14 -2.55 -10.73
C LEU D 221 42.59 -2.06 -10.56
N THR D 222 43.02 -1.28 -11.55
CA THR D 222 44.32 -0.63 -11.59
C THR D 222 44.04 0.79 -11.19
N PRO D 223 44.92 1.39 -10.37
CA PRO D 223 44.74 2.79 -10.01
C PRO D 223 44.39 3.74 -11.17
N PRO D 224 44.99 3.60 -12.38
CA PRO D 224 44.52 4.49 -13.44
C PRO D 224 43.09 4.30 -13.91
N ASN D 225 42.67 3.06 -14.11
CA ASN D 225 41.26 2.77 -14.40
C ASN D 225 40.32 3.36 -13.32
N LEU D 226 40.64 3.08 -12.05
CA LEU D 226 39.80 3.53 -10.95
C LEU D 226 39.77 5.04 -10.91
N ALA D 227 40.87 5.65 -11.34
CA ALA D 227 40.93 7.10 -11.41
C ALA D 227 39.98 7.61 -12.48
N GLN D 228 39.85 6.91 -13.59
CA GLN D 228 38.86 7.38 -14.55
C GLN D 228 37.43 7.20 -14.06
N ALA D 229 37.16 6.03 -13.50
CA ALA D 229 35.79 5.71 -13.09
C ALA D 229 35.28 6.55 -11.93
N TYR D 230 36.03 6.58 -10.83
CA TYR D 230 35.57 7.29 -9.66
C TYR D 230 36.05 8.73 -9.59
N GLY D 231 37.18 9.02 -10.24
CA GLY D 231 37.77 10.34 -10.23
C GLY D 231 38.60 10.59 -8.97
N MET D 232 39.55 9.70 -8.68
CA MET D 232 40.42 9.89 -7.53
C MET D 232 41.59 8.93 -7.51
N ASN D 233 42.74 9.43 -7.08
CA ASN D 233 43.95 8.64 -6.95
C ASN D 233 43.75 7.40 -6.04
N PHE D 234 44.48 6.36 -6.36
CA PHE D 234 44.39 5.08 -5.67
C PHE D 234 45.71 4.39 -5.61
N ARG D 235 46.09 3.97 -4.42
CA ARG D 235 47.33 3.23 -4.34
C ARG D 235 47.05 1.74 -4.08
N ARG D 236 47.77 0.88 -4.78
CA ARG D 236 47.75 -0.57 -4.54
C ARG D 236 48.75 -0.94 -3.48
N LEU D 237 48.49 -1.97 -2.71
CA LEU D 237 49.48 -2.42 -1.75
C LEU D 237 49.28 -3.85 -1.40
N ASP D 238 50.38 -4.51 -1.04
CA ASP D 238 50.36 -5.94 -0.86
C ASP D 238 51.09 -6.27 0.45
N ILE D 239 50.36 -6.38 1.56
CA ILE D 239 51.03 -6.63 2.83
C ILE D 239 50.66 -7.98 3.36
N GLU D 240 51.68 -8.75 3.73
CA GLU D 240 51.51 -10.10 4.24
C GLU D 240 50.72 -10.95 3.27
N GLY D 241 50.57 -10.48 2.03
CA GLY D 241 49.84 -11.19 1.02
C GLY D 241 48.35 -10.95 1.15
N HIS D 242 47.97 -9.68 1.09
CA HIS D 242 46.56 -9.34 1.18
C HIS D 242 45.98 -8.46 0.07
N ARG D 243 46.85 -7.80 -0.69
CA ARG D 243 46.47 -6.96 -1.83
C ARG D 243 45.28 -6.02 -1.60
N MET D 244 45.43 -5.10 -0.65
CA MET D 244 44.43 -4.08 -0.37
C MET D 244 44.51 -2.87 -1.32
N LEU D 245 43.54 -1.96 -1.19
CA LEU D 245 43.43 -0.81 -2.06
C LEU D 245 43.12 0.47 -1.29
N ILE D 246 44.10 1.35 -1.21
CA ILE D 246 43.97 2.57 -0.43
C ILE D 246 43.63 3.77 -1.31
N SER D 247 43.01 4.80 -0.74
CA SER D 247 42.71 6.02 -1.48
C SER D 247 43.49 7.20 -0.91
N THR D 248 44.02 8.02 -1.81
CA THR D 248 44.69 9.25 -1.42
C THR D 248 43.69 10.36 -1.59
N ILE D 249 43.01 10.66 -0.49
CA ILE D 249 41.93 11.64 -0.52
C ILE D 249 42.49 13.03 -0.27
N1 LDA E . -32.83 29.39 11.95
O1 LDA E . -33.24 28.59 11.07
CM1 LDA E . -33.83 29.45 13.04
CM2 LDA E . -32.69 30.75 11.38
C1 LDA E . -31.53 28.96 12.46
C2 LDA E . -31.79 27.59 13.10
C3 LDA E . -31.17 27.43 14.48
C4 LDA E . -29.97 26.50 14.41
C5 LDA E . -28.81 26.96 15.28
C6 LDA E . -28.80 26.25 16.62
C7 LDA E . -27.36 26.04 17.06
C8 LDA E . -27.22 24.83 17.96
C9 LDA E . -25.74 24.49 18.14
C10 LDA E . -25.37 24.45 19.62
C11 LDA E . -23.96 23.91 19.78
C12 LDA E . -23.70 23.34 21.17
N1 LDA F . -28.64 37.24 3.60
O1 LDA F . -28.33 36.38 4.47
CM1 LDA F . -28.39 38.59 4.14
CM2 LDA F . -30.07 37.14 3.29
C1 LDA F . -27.84 37.06 2.38
C2 LDA F . -26.36 36.97 2.75
C3 LDA F . -25.52 37.70 1.70
C4 LDA F . -24.31 36.91 1.20
C5 LDA F . -24.40 36.79 -0.31
C6 LDA F . -23.03 36.53 -0.94
C7 LDA F . -23.20 36.34 -2.44
C8 LDA F . -22.08 36.93 -3.31
C9 LDA F . -22.65 37.62 -4.57
C10 LDA F . -22.06 37.04 -5.86
C11 LDA F . -21.12 37.96 -6.64
C12 LDA F . -21.57 38.05 -8.09
N1 LDA G . -33.54 -25.89 -17.44
O1 LDA G . -34.10 -26.48 -18.40
CM1 LDA G . -34.27 -24.65 -17.14
CM2 LDA G . -33.62 -26.79 -16.28
C1 LDA G . -32.13 -25.65 -17.73
C2 LDA G . -31.97 -24.47 -18.70
C3 LDA G . -30.74 -24.66 -19.57
C4 LDA G . -29.80 -23.46 -19.58
C5 LDA G . -28.35 -23.93 -19.71
C6 LDA G . -27.79 -23.73 -21.12
C7 LDA G . -28.12 -22.32 -21.63
C8 LDA G . -26.87 -21.52 -22.00
C9 LDA G . -26.09 -22.14 -23.17
C10 LDA G . -24.57 -22.22 -22.99
C11 LDA G . -23.79 -21.62 -24.18
C12 LDA G . -24.22 -20.18 -24.49
N1 LDA H . -33.63 -34.23 -8.67
O1 LDA H . -34.12 -33.97 -7.55
CM1 LDA H . -33.50 -33.00 -9.45
CM2 LDA H . -34.56 -35.17 -9.33
C1 LDA H . -32.30 -34.82 -8.55
C2 LDA H . -31.45 -33.96 -7.62
C3 LDA H . -30.21 -34.70 -7.12
C4 LDA H . -29.48 -33.90 -6.05
C5 LDA H . -28.55 -34.74 -5.15
C6 LDA H . -27.60 -33.82 -4.38
C7 LDA H . -27.48 -34.16 -2.89
C8 LDA H . -26.03 -33.90 -2.47
C9 LDA H . -25.84 -33.45 -1.03
C10 LDA H . -24.37 -33.65 -0.64
C11 LDA H . -23.96 -32.89 0.62
C12 LDA H . -22.46 -32.89 0.93
PG ANP I . 21.97 -4.76 11.34
O1G ANP I . 23.27 -4.05 11.20
O2G ANP I . 22.05 -6.06 10.47
O3G ANP I . 20.82 -3.77 10.85
PB ANP I . 21.13 -4.01 13.91
O1B ANP I . 22.32 -3.63 14.72
O2B ANP I . 20.72 -2.82 13.01
N3B ANP I . 21.63 -5.29 12.93
PA ANP I . 18.49 -4.04 14.87
O1A ANP I . 18.33 -2.84 15.74
O2A ANP I . 18.10 -3.90 13.39
O3A ANP I . 20.01 -4.50 14.89
O5' ANP I . 17.76 -5.24 15.65
C5' ANP I . 18.43 -5.96 16.74
C4' ANP I . 17.64 -7.17 17.17
O4' ANP I . 16.23 -6.87 17.14
C3' ANP I . 17.84 -8.43 16.32
O3' ANP I . 18.17 -9.57 17.09
C2' ANP I . 16.49 -8.64 15.62
O2' ANP I . 16.15 -10.01 15.48
C1' ANP I . 15.51 -7.95 16.58
N9 ANP I . 14.32 -7.40 15.94
C8 ANP I . 14.28 -6.43 14.98
N7 ANP I . 13.07 -6.11 14.60
C5 ANP I . 12.26 -6.90 15.36
C6 ANP I . 10.85 -7.04 15.45
N6 ANP I . 9.99 -6.34 14.70
N1 ANP I . 10.36 -7.93 16.34
C2 ANP I . 11.22 -8.64 17.08
N3 ANP I . 12.55 -8.60 17.11
C4 ANP I . 13.00 -7.71 16.21
MG MG J . 20.17 -1.75 11.47
PG ANP K . 23.96 2.34 -7.70
O1G ANP K . 25.08 1.46 -7.32
O2G ANP K . 24.05 3.60 -6.76
O3G ANP K . 22.65 1.48 -7.53
PB ANP K . 23.77 1.72 -10.41
O1B ANP K . 25.09 1.25 -10.94
O2B ANP K . 23.00 0.55 -9.73
N3B ANP K . 24.03 2.95 -9.28
PA ANP K . 21.40 1.93 -11.83
O1A ANP K . 21.21 0.85 -12.81
O2A ANP K . 20.85 1.67 -10.43
O3A ANP K . 22.95 2.25 -11.64
O5' ANP K . 20.87 3.24 -12.55
C5' ANP K . 21.56 3.74 -13.76
C4' ANP K . 21.03 5.08 -14.23
O4' ANP K . 19.62 4.99 -14.52
C3' ANP K . 21.20 6.25 -13.26
O3' ANP K . 21.70 7.43 -13.88
C2' ANP K . 19.77 6.54 -12.77
O2' ANP K . 19.54 7.93 -12.67
C1' ANP K . 18.91 6.04 -13.92
N9 ANP K . 17.61 5.54 -13.48
C8 ANP K . 17.37 4.62 -12.49
N7 ANP K . 16.09 4.34 -12.30
C5 ANP K . 15.45 5.15 -13.24
C6 ANP K . 14.09 5.32 -13.56
N6 ANP K . 13.10 4.67 -12.95
N1 ANP K . 13.79 6.19 -14.55
C2 ANP K . 14.78 6.83 -15.17
N3 ANP K . 16.10 6.75 -14.95
C4 ANP K . 16.37 5.88 -13.96
MG MG L . 22.00 -0.36 -8.12
#